data_7WZ4
#
_entry.id   7WZ4
#
_cell.length_a   1.00
_cell.length_b   1.00
_cell.length_c   1.00
_cell.angle_alpha   90.00
_cell.angle_beta   90.00
_cell.angle_gamma   90.00
#
_symmetry.space_group_name_H-M   'P 1'
#
loop_
_entity.id
_entity.type
_entity.pdbx_description
1 polymer 'Probable G-protein coupled receptor 88'
2 polymer 'Guanine nucleotide-binding protein G(i) subunit alpha-1'
3 polymer 'Guanine nucleotide-binding protein G(I)/G(S)/G(T) subunit beta-1'
4 polymer 'Guanine nucleotide-binding protein G(I)/G(S)/G(O) subunit gamma-2'
5 polymer scFv16
#
loop_
_entity_poly.entity_id
_entity_poly.type
_entity_poly.pdbx_seq_one_letter_code
_entity_poly.pdbx_strand_id
1 'polypeptide(L)'
;DYKDDDDKLEVLFQGPGSADLEDNWETLNDNLKVIEKADNAAQVKDALTKMRAAALDAQKATPPKLEDKSPDSPEMKDFR
HGFDILVGQIDDALKLANEGKVKEAQAAAEQLKTTRNAYIQKYLMTNSSSTSTSSTTGGSLLLLCEEEESWAGRRIPVSL
LYSGLAIGGTLANGMVIYLVSSFRKLQTTSNAFIVNGCAADLSVCALWMPQEAVLGLLPTGSAEPPADWDGAGGSYRLLR
GGLLGLGLTVSLLSHCLVALNRYLLITRAPATYQALYQRRHTAGMLALSWALALGLVLLLPPWAPRPGAAPPRVHYPALL
AAAALLAQTALLLHCYLGIVRRVRVSVKRVSVLNFHLLHQLPGCAAAAAAFPGAQHAPGPGGAAHPAQAQPLPPALHPRR
AQRRLSGLSVLLLCCVFLLATQPLVWVSLASGFSLPVPWGVQAASWLLCCALSALNPLLYTWRNEEFRRSVRSVLPGVGD
AAAAAVAATAVPAVSQAQLGTRAAGQHWLEHHHHHHHHHH
;
R
2 'polypeptide(L)'
;MGCTLSAEDKAAVERSKMIDRNLREDGEKAAREVKLLLLGAGESGKSTIVKQMKIIHEAGYSEEECKQYKAVVYSNTIQS
IIAIIRAMGRLKIDFGDSARADDARQLFVLAGAAEEGFMTAELAGVIKRLWKDSGVQACFNRSREYQLNDSAAYYLNDLD
RIAQPNYIPTQQDVLRTRVKTTGIVETHFTFKDLHFKMFDVGGQRSERKKWIHCFEGVTAIIFCVALSDYDLVLAEDEEM
NRMHESMKLFDSICNNKWFTDTSIILFLNKKDLFEEKIKKSPLTICYPEYAGSNTYEEAAAYIQCQFEDLNKRKDTKEIY
THFTCATDTKNVQFVFDAVTDVIIKNNLKDCGLF
;
A
3 'polypeptide(L)'
;HHHHHHLEVLFQGPGSSGSELDQLRQEAEQLKNQIRDARKACADATLSQITNNIDPVGRIQMRTRRTLRGHLAKIYAMHW
GTDSRLLVSASQDGKLIIWDSYTTNKVHAIPLRSSWVMTCAYAPSGNYVACGGLDNICSIYNLKTREGNVRVSRELAGHT
GYLSCCRFLDDNQIVTSSGDTTCALWDIETGQQTTTFTGHTGDVMSLSLAPDTRLFVSGACDASAKLWDVREGMCRQTFT
GHESDINAICFFPNGNAFATGSDDATCRLFDLRADQELMTYSHDNIICGITSVSFSKSGRLLLAGYDDFNCNVWDALKAD
RAGVLAGHDNRVSCLGVTDDGMAVATGSWDSFLKIWN
;
B
4 'polypeptide(L)' MASNNTASIAQARKLVEQLKMEANIDRIKVSKAAADLMAYCEAHAKEDPLLTPVPASENPFREKKFFCAIL G
5 'polypeptide(L)'
;DVQLVESGGGLVQPGGSRKLSCSASGFAFSSFGMHWVRQAPEKGLEWVAYISSGSGTIYYADTVKGRFTISRDDPKNTLF
LQMTSLRSEDTAMYYCVRSIYYYGSSPFDFWGQGTTLTVSSGGGGSGGGGSGGGGSDIVMTQATSSVPVTPGESVSISCR
SSKSLLHSNGNTYLYWFLQRPGQSPQLLIYRMSNLASGVPDRFSGSGSGTAFTLTISRLEAEDVGVYYCMQHLEYPLTFG
AGTKLELKAAAHHHHHHHH
;
S
#
# COMPACT_ATOMS: atom_id res chain seq x y z
N VAL A 158 54.39 6.25 -18.04
CA VAL A 158 53.14 6.67 -17.42
C VAL A 158 51.98 5.96 -18.11
N SER A 159 52.27 5.33 -19.23
CA SER A 159 51.23 4.59 -19.95
C SER A 159 50.80 3.35 -19.19
N LEU A 160 51.71 2.74 -18.43
CA LEU A 160 51.37 1.57 -17.64
C LEU A 160 50.36 1.91 -16.55
N LEU A 161 50.47 3.12 -15.98
CA LEU A 161 49.53 3.54 -14.95
C LEU A 161 48.11 3.67 -15.49
N TYR A 162 47.98 4.16 -16.73
CA TYR A 162 46.69 4.49 -17.31
C TYR A 162 45.78 3.27 -17.42
N SER A 163 46.33 2.14 -17.86
CA SER A 163 45.51 0.94 -18.06
C SER A 163 44.89 0.43 -16.77
N GLY A 164 45.69 0.37 -15.70
CA GLY A 164 45.17 -0.07 -14.42
C GLY A 164 44.12 0.86 -13.87
N LEU A 165 44.35 2.17 -13.97
CA LEU A 165 43.35 3.13 -13.54
C LEU A 165 42.06 2.99 -14.34
N ALA A 166 42.17 2.77 -15.66
CA ALA A 166 40.97 2.58 -16.47
C ALA A 166 40.21 1.33 -16.05
N ILE A 167 40.93 0.24 -15.81
CA ILE A 167 40.28 -1.00 -15.40
C ILE A 167 39.55 -0.81 -14.07
N GLY A 168 40.24 -0.20 -13.10
CA GLY A 168 39.62 0.02 -11.80
C GLY A 168 38.41 0.93 -11.89
N GLY A 169 38.51 2.02 -12.66
CA GLY A 169 37.40 2.94 -12.79
C GLY A 169 36.19 2.31 -13.44
N THR A 170 36.39 1.61 -14.56
CA THR A 170 35.25 0.98 -15.23
C THR A 170 34.63 -0.10 -14.36
N LEU A 171 35.45 -0.86 -13.64
CA LEU A 171 34.93 -1.88 -12.74
C LEU A 171 34.08 -1.25 -11.64
N ALA A 172 34.59 -0.19 -11.01
CA ALA A 172 33.85 0.45 -9.92
C ALA A 172 32.55 1.07 -10.42
N ASN A 173 32.59 1.75 -11.56
CA ASN A 173 31.39 2.37 -12.10
C ASN A 173 30.34 1.33 -12.46
N GLY A 174 30.75 0.25 -13.12
CA GLY A 174 29.82 -0.82 -13.43
C GLY A 174 29.23 -1.45 -12.19
N MET A 175 30.06 -1.69 -11.17
CA MET A 175 29.56 -2.28 -9.92
C MET A 175 28.54 -1.38 -9.26
N VAL A 176 28.81 -0.07 -9.21
CA VAL A 176 27.89 0.85 -8.56
C VAL A 176 26.56 0.92 -9.33
N ILE A 177 26.63 1.00 -10.65
CA ILE A 177 25.40 1.05 -11.44
C ILE A 177 24.59 -0.24 -11.25
N TYR A 178 25.27 -1.39 -11.25
CA TYR A 178 24.58 -2.65 -11.05
C TYR A 178 23.94 -2.72 -9.67
N LEU A 179 24.65 -2.25 -8.64
CA LEU A 179 24.12 -2.27 -7.29
C LEU A 179 22.88 -1.38 -7.17
N VAL A 180 22.92 -0.19 -7.78
CA VAL A 180 21.76 0.68 -7.74
C VAL A 180 20.59 0.05 -8.48
N SER A 181 20.85 -0.54 -9.65
CA SER A 181 19.78 -1.11 -10.46
C SER A 181 19.13 -2.31 -9.77
N SER A 182 19.93 -3.16 -9.12
CA SER A 182 19.41 -4.38 -8.53
C SER A 182 18.55 -4.08 -7.30
N PHE A 183 19.16 -3.47 -6.28
CA PHE A 183 18.45 -3.16 -5.05
C PHE A 183 17.71 -1.82 -5.19
N ARG A 184 16.93 -1.69 -6.26
CA ARG A 184 16.39 -0.38 -6.61
C ARG A 184 15.41 0.15 -5.57
N LYS A 185 14.70 -0.75 -4.86
CA LYS A 185 13.71 -0.29 -3.90
C LYS A 185 14.38 0.40 -2.72
N LEU A 186 15.66 0.14 -2.51
CA LEU A 186 16.42 0.75 -1.43
C LEU A 186 17.19 2.00 -1.85
N GLN A 187 16.99 2.48 -3.08
CA GLN A 187 17.74 3.61 -3.61
C GLN A 187 16.78 4.75 -3.93
N THR A 188 17.24 5.98 -3.72
CA THR A 188 16.37 7.15 -3.67
C THR A 188 16.98 8.25 -4.54
N THR A 189 16.48 9.47 -4.39
CA THR A 189 16.76 10.57 -5.30
C THR A 189 18.22 11.02 -5.30
N SER A 190 18.96 10.75 -4.23
CA SER A 190 20.40 11.04 -4.22
C SER A 190 21.21 10.05 -5.03
N ASN A 191 20.87 8.76 -5.00
CA ASN A 191 21.49 7.80 -5.87
C ASN A 191 21.24 8.09 -7.34
N ALA A 192 20.20 8.86 -7.67
CA ALA A 192 20.02 9.30 -9.05
C ALA A 192 21.20 10.15 -9.52
N PHE A 193 21.55 11.17 -8.75
CA PHE A 193 22.71 11.99 -9.08
C PHE A 193 23.99 11.19 -9.01
N ILE A 194 24.09 10.27 -8.04
CA ILE A 194 25.27 9.45 -7.94
C ILE A 194 25.45 8.59 -9.20
N VAL A 195 24.36 8.01 -9.71
CA VAL A 195 24.44 7.19 -10.91
C VAL A 195 24.71 8.03 -12.14
N ASN A 196 24.17 9.26 -12.19
CA ASN A 196 24.52 10.15 -13.29
C ASN A 196 26.03 10.40 -13.32
N GLY A 197 26.60 10.74 -12.18
CA GLY A 197 28.04 10.93 -12.12
C GLY A 197 28.81 9.67 -12.46
N CYS A 198 28.31 8.52 -12.02
CA CYS A 198 29.00 7.26 -12.28
C CYS A 198 28.94 6.89 -13.75
N ALA A 199 27.84 7.22 -14.43
CA ALA A 199 27.73 6.94 -15.85
C ALA A 199 28.66 7.84 -16.66
N ALA A 200 28.72 9.13 -16.30
CA ALA A 200 29.68 10.01 -16.96
C ALA A 200 31.11 9.54 -16.72
N ASP A 201 31.40 9.10 -15.50
CA ASP A 201 32.71 8.55 -15.19
C ASP A 201 32.99 7.30 -16.01
N LEU A 202 31.98 6.45 -16.19
CA LEU A 202 32.14 5.25 -17.01
C LEU A 202 32.50 5.61 -18.44
N SER A 203 31.80 6.57 -19.02
CA SER A 203 32.10 7.02 -20.37
C SER A 203 33.55 7.53 -20.46
N VAL A 204 33.91 8.45 -19.57
CA VAL A 204 35.24 9.06 -19.64
C VAL A 204 36.32 8.01 -19.43
N CYS A 205 36.11 7.11 -18.47
CA CYS A 205 37.10 6.11 -18.14
C CYS A 205 37.26 5.08 -19.25
N ALA A 206 36.16 4.66 -19.87
CA ALA A 206 36.22 3.66 -20.92
C ALA A 206 36.75 4.25 -22.22
N LEU A 207 36.69 5.58 -22.36
CA LEU A 207 37.13 6.18 -23.60
C LEU A 207 38.58 6.68 -23.52
N TRP A 208 38.88 7.56 -22.55
CA TRP A 208 40.10 8.35 -22.61
C TRP A 208 41.36 7.48 -22.57
N MET A 209 41.50 6.64 -21.54
CA MET A 209 42.75 5.90 -21.38
C MET A 209 42.84 4.66 -22.27
N PRO A 210 41.77 3.88 -22.51
CA PRO A 210 41.93 2.71 -23.39
C PRO A 210 42.42 3.05 -24.79
N GLN A 211 42.18 4.27 -25.28
CA GLN A 211 42.75 4.69 -26.54
C GLN A 211 44.27 4.73 -26.47
N GLU A 212 44.81 5.25 -25.37
CA GLU A 212 46.25 5.36 -25.19
C GLU A 212 46.61 5.50 -23.72
N ARG A 237 34.09 18.16 -34.55
CA ARG A 237 34.25 17.13 -33.53
C ARG A 237 35.51 16.30 -33.76
N LEU A 238 36.36 16.22 -32.74
CA LEU A 238 37.54 15.38 -32.81
C LEU A 238 37.16 13.91 -32.67
N LEU A 239 38.16 13.04 -32.85
CA LEU A 239 37.91 11.60 -32.80
C LEU A 239 37.39 11.18 -31.43
N ARG A 240 38.02 11.68 -30.36
CA ARG A 240 37.60 11.37 -29.01
C ARG A 240 37.57 12.58 -28.08
N GLY A 241 38.13 13.72 -28.47
CA GLY A 241 38.22 14.85 -27.57
C GLY A 241 36.86 15.39 -27.15
N GLY A 242 35.93 15.48 -28.10
CA GLY A 242 34.60 15.93 -27.75
C GLY A 242 33.91 15.03 -26.76
N LEU A 243 34.04 13.71 -26.93
CA LEU A 243 33.42 12.78 -26.01
C LEU A 243 34.06 12.86 -24.63
N LEU A 244 35.39 13.02 -24.59
CA LEU A 244 36.06 13.15 -23.30
C LEU A 244 35.62 14.42 -22.58
N GLY A 245 35.51 15.52 -23.32
CA GLY A 245 34.99 16.75 -22.73
C GLY A 245 33.58 16.58 -22.22
N LEU A 246 32.74 15.87 -22.99
CA LEU A 246 31.40 15.56 -22.54
C LEU A 246 31.39 14.83 -21.22
N GLY A 247 32.16 13.74 -21.13
CA GLY A 247 32.21 12.98 -19.90
C GLY A 247 32.68 13.80 -18.72
N LEU A 248 33.77 14.56 -18.93
CA LEU A 248 34.31 15.36 -17.84
C LEU A 248 33.31 16.41 -17.36
N THR A 249 32.66 17.13 -18.28
CA THR A 249 31.76 18.19 -17.85
C THR A 249 30.52 17.61 -17.18
N VAL A 250 30.03 16.46 -17.64
CA VAL A 250 28.89 15.85 -16.98
C VAL A 250 29.26 15.40 -15.57
N SER A 251 30.45 14.80 -15.40
CA SER A 251 30.87 14.38 -14.07
C SER A 251 31.03 15.58 -13.14
N LEU A 252 31.61 16.67 -13.65
CA LEU A 252 31.87 17.83 -12.80
C LEU A 252 30.58 18.57 -12.47
N LEU A 253 29.57 18.49 -13.32
CA LEU A 253 28.26 19.01 -12.95
C LEU A 253 27.54 18.07 -11.98
N SER A 254 27.79 16.78 -12.08
CA SER A 254 27.19 15.83 -11.13
C SER A 254 27.73 16.07 -9.72
N HIS A 255 29.02 16.43 -9.62
CA HIS A 255 29.54 16.84 -8.32
C HIS A 255 28.72 17.97 -7.71
N CYS A 256 28.45 19.02 -8.49
CA CYS A 256 27.67 20.14 -7.98
C CYS A 256 26.25 19.71 -7.61
N LEU A 257 25.64 18.86 -8.45
CA LEU A 257 24.28 18.41 -8.18
C LEU A 257 24.20 17.63 -6.87
N VAL A 258 25.13 16.71 -6.65
CA VAL A 258 25.07 15.90 -5.44
C VAL A 258 25.40 16.74 -4.21
N ALA A 259 26.34 17.68 -4.35
CA ALA A 259 26.66 18.56 -3.23
C ALA A 259 25.45 19.41 -2.84
N LEU A 260 24.75 19.97 -3.83
CA LEU A 260 23.54 20.74 -3.55
C LEU A 260 22.46 19.87 -2.94
N ASN A 261 22.31 18.63 -3.44
CA ASN A 261 21.30 17.73 -2.87
C ASN A 261 21.56 17.51 -1.38
N ARG A 262 22.80 17.19 -1.02
CA ARG A 262 23.12 16.95 0.39
C ARG A 262 22.96 18.22 1.22
N TYR A 263 23.39 19.37 0.67
CA TYR A 263 23.25 20.62 1.41
C TYR A 263 21.80 20.96 1.68
N LEU A 264 20.93 20.79 0.69
CA LEU A 264 19.52 21.10 0.88
C LEU A 264 18.84 20.07 1.77
N LEU A 265 19.26 18.81 1.71
CA LEU A 265 18.70 17.80 2.60
C LEU A 265 19.04 18.07 4.05
N ILE A 266 20.26 18.50 4.33
CA ILE A 266 20.72 18.67 5.71
C ILE A 266 20.44 20.07 6.24
N THR A 267 20.17 21.05 5.38
CA THR A 267 19.95 22.42 5.82
C THR A 267 18.52 22.90 5.70
N ARG A 268 17.87 22.71 4.55
CA ARG A 268 16.58 23.31 4.28
C ARG A 268 15.45 22.59 5.02
N ALA A 269 14.28 23.21 5.00
CA ALA A 269 13.11 22.65 5.64
C ALA A 269 12.58 21.46 4.85
N PRO A 270 11.91 20.52 5.51
CA PRO A 270 11.40 19.34 4.79
C PRO A 270 10.44 19.65 3.66
N ALA A 271 9.60 20.68 3.82
CA ALA A 271 8.62 21.00 2.77
C ALA A 271 9.30 21.53 1.52
N THR A 272 10.28 22.42 1.70
CA THR A 272 10.99 22.99 0.55
C THR A 272 11.72 21.92 -0.24
N TYR A 273 12.38 20.99 0.46
CA TYR A 273 13.11 19.94 -0.23
C TYR A 273 12.16 19.03 -1.02
N GLN A 274 11.02 18.68 -0.42
CA GLN A 274 10.06 17.82 -1.12
C GLN A 274 9.48 18.52 -2.34
N ALA A 275 9.16 19.82 -2.21
CA ALA A 275 8.60 20.56 -3.34
C ALA A 275 9.63 20.71 -4.45
N LEU A 276 10.89 20.96 -4.09
CA LEU A 276 11.91 21.30 -5.07
C LEU A 276 12.38 20.06 -5.83
N TYR A 277 12.28 18.89 -5.21
CA TYR A 277 12.89 17.69 -5.76
C TYR A 277 11.87 16.64 -6.19
N GLN A 278 10.82 17.07 -6.87
CA GLN A 278 9.88 16.14 -7.48
C GLN A 278 10.58 15.31 -8.55
N ARG A 279 9.94 14.21 -8.94
CA ARG A 279 10.51 13.31 -9.94
C ARG A 279 10.71 14.02 -11.27
N ARG A 280 9.73 14.83 -11.67
CA ARG A 280 9.84 15.62 -12.90
C ARG A 280 10.98 16.61 -12.80
N HIS A 281 11.11 17.28 -11.66
CA HIS A 281 12.21 18.21 -11.47
C HIS A 281 13.56 17.52 -11.51
N THR A 282 13.67 16.34 -10.88
CA THR A 282 14.92 15.59 -10.92
C THR A 282 15.28 15.17 -12.34
N ALA A 283 14.29 14.69 -13.10
CA ALA A 283 14.55 14.31 -14.49
C ALA A 283 14.97 15.53 -15.31
N GLY A 284 14.33 16.67 -15.08
CA GLY A 284 14.71 17.87 -15.80
C GLY A 284 16.13 18.31 -15.50
N MET A 285 16.51 18.27 -14.22
CA MET A 285 17.88 18.64 -13.85
C MET A 285 18.88 17.66 -14.43
N LEU A 286 18.55 16.37 -14.46
CA LEU A 286 19.45 15.39 -15.06
C LEU A 286 19.62 15.64 -16.57
N ALA A 287 18.52 15.95 -17.26
CA ALA A 287 18.60 16.14 -18.70
C ALA A 287 19.29 17.44 -19.07
N LEU A 288 19.05 18.49 -18.29
CA LEU A 288 19.65 19.79 -18.58
C LEU A 288 21.17 19.74 -18.48
N SER A 289 21.70 18.88 -17.61
CA SER A 289 23.14 18.73 -17.51
C SER A 289 23.74 18.26 -18.83
N TRP A 290 23.15 17.21 -19.42
CA TRP A 290 23.65 16.72 -20.69
C TRP A 290 23.38 17.71 -21.81
N ALA A 291 22.28 18.44 -21.73
CA ALA A 291 22.01 19.47 -22.74
C ALA A 291 23.10 20.54 -22.74
N LEU A 292 23.43 21.07 -21.56
CA LEU A 292 24.50 22.05 -21.45
C LEU A 292 25.85 21.44 -21.84
N ALA A 293 26.04 20.16 -21.51
CA ALA A 293 27.28 19.48 -21.90
C ALA A 293 27.44 19.45 -23.41
N LEU A 294 26.40 19.04 -24.13
CA LEU A 294 26.46 19.05 -25.59
C LEU A 294 26.66 20.46 -26.13
N GLY A 295 25.97 21.44 -25.54
CA GLY A 295 26.12 22.80 -26.01
C GLY A 295 27.55 23.30 -25.92
N LEU A 296 28.20 23.09 -24.78
CA LEU A 296 29.56 23.55 -24.61
C LEU A 296 30.56 22.68 -25.36
N VAL A 297 30.25 21.40 -25.59
CA VAL A 297 31.15 20.56 -26.37
C VAL A 297 31.14 21.01 -27.83
N LEU A 298 29.96 21.34 -28.36
CA LEU A 298 29.84 21.75 -29.76
C LEU A 298 30.30 23.19 -29.99
N LEU A 299 29.69 24.17 -29.31
CA LEU A 299 29.88 25.57 -29.65
C LEU A 299 31.10 26.17 -28.95
N LEU A 300 32.23 25.47 -29.08
CA LEU A 300 33.50 25.93 -28.53
C LEU A 300 34.63 25.26 -29.31
N PRO A 301 35.73 25.96 -29.56
CA PRO A 301 36.92 25.32 -30.09
C PRO A 301 37.60 24.49 -29.00
N PRO A 302 38.00 23.25 -29.31
CA PRO A 302 38.55 22.39 -28.25
C PRO A 302 40.00 22.70 -27.93
N TRP A 303 40.19 23.43 -26.83
CA TRP A 303 41.56 23.75 -26.37
C TRP A 303 41.57 23.80 -24.85
N ALA A 304 42.69 23.41 -24.24
CA ALA A 304 42.85 23.39 -22.79
C ALA A 304 44.34 23.33 -22.43
N VAL A 314 46.22 35.62 -26.35
CA VAL A 314 45.47 34.94 -25.29
C VAL A 314 44.24 34.25 -25.87
N HIS A 315 44.25 32.93 -25.87
CA HIS A 315 43.11 32.18 -26.39
C HIS A 315 41.90 32.36 -25.49
N TYR A 316 40.77 32.70 -26.11
CA TYR A 316 39.54 32.92 -25.34
C TYR A 316 39.01 31.67 -24.66
N PRO A 317 38.79 30.54 -25.35
CA PRO A 317 38.09 29.41 -24.70
C PRO A 317 38.84 28.83 -23.52
N ALA A 318 40.17 28.90 -23.50
CA ALA A 318 40.95 28.22 -22.47
C ALA A 318 40.65 28.78 -21.08
N LEU A 319 40.53 30.09 -20.96
CA LEU A 319 40.26 30.68 -19.65
C LEU A 319 38.88 30.34 -19.14
N LEU A 320 37.92 30.09 -20.04
CA LEU A 320 36.57 29.75 -19.62
C LEU A 320 36.50 28.43 -18.85
N ALA A 321 37.43 27.50 -19.13
CA ALA A 321 37.49 26.28 -18.33
C ALA A 321 37.90 26.57 -16.91
N ALA A 322 38.90 27.44 -16.73
CA ALA A 322 39.41 27.76 -15.40
C ALA A 322 38.34 28.44 -14.56
N ALA A 323 37.59 29.37 -15.15
CA ALA A 323 36.54 30.05 -14.40
C ALA A 323 35.46 29.08 -13.94
N ALA A 324 35.03 28.18 -14.82
CA ALA A 324 34.01 27.20 -14.44
C ALA A 324 34.52 26.26 -13.37
N LEU A 325 35.76 25.79 -13.48
CA LEU A 325 36.30 24.89 -12.48
C LEU A 325 36.46 25.57 -11.13
N LEU A 326 36.90 26.83 -11.14
CA LEU A 326 37.05 27.55 -9.88
C LEU A 326 35.70 27.83 -9.24
N ALA A 327 34.68 28.16 -10.04
CA ALA A 327 33.34 28.35 -9.51
C ALA A 327 32.81 27.05 -8.91
N GLN A 328 33.04 25.92 -9.58
CA GLN A 328 32.66 24.63 -9.03
C GLN A 328 33.38 24.32 -7.72
N THR A 329 34.69 24.62 -7.64
CA THR A 329 35.41 24.41 -6.40
C THR A 329 34.83 25.24 -5.27
N ALA A 330 34.52 26.51 -5.55
CA ALA A 330 33.93 27.36 -4.51
C ALA A 330 32.56 26.84 -4.09
N LEU A 331 31.74 26.40 -5.04
CA LEU A 331 30.42 25.88 -4.70
C LEU A 331 30.54 24.62 -3.84
N LEU A 332 31.42 23.70 -4.21
CA LEU A 332 31.61 22.49 -3.41
C LEU A 332 32.12 22.81 -2.02
N LEU A 333 33.08 23.74 -1.91
CA LEU A 333 33.59 24.10 -0.59
C LEU A 333 32.49 24.70 0.29
N HIS A 334 31.69 25.61 -0.26
CA HIS A 334 30.60 26.19 0.53
C HIS A 334 29.60 25.12 0.96
N CYS A 335 29.19 24.27 0.01
CA CYS A 335 28.19 23.26 0.32
C CYS A 335 28.68 22.28 1.37
N TYR A 336 29.94 21.87 1.28
CA TYR A 336 30.48 20.87 2.18
C TYR A 336 31.04 21.44 3.48
N LEU A 337 31.13 22.76 3.60
CA LEU A 337 31.39 23.36 4.91
C LEU A 337 30.12 23.72 5.66
N GLY A 338 29.06 24.13 4.95
CA GLY A 338 27.80 24.39 5.64
C GLY A 338 27.23 23.15 6.30
N ILE A 339 27.37 21.99 5.64
CA ILE A 339 26.88 20.74 6.20
C ILE A 339 27.60 20.41 7.51
N VAL A 340 28.92 20.59 7.54
CA VAL A 340 29.66 20.31 8.76
C VAL A 340 29.34 21.32 9.85
N ARG A 341 29.17 22.60 9.47
CA ARG A 341 28.86 23.62 10.46
C ARG A 341 27.52 23.34 11.14
N ARG A 342 26.48 23.03 10.35
CA ARG A 342 25.17 22.76 10.93
C ARG A 342 25.21 21.52 11.82
N VAL A 343 25.96 20.49 11.41
CA VAL A 343 26.07 19.29 12.21
C VAL A 343 26.75 19.58 13.54
N ARG A 344 27.81 20.40 13.53
CA ARG A 344 28.47 20.76 14.78
C ARG A 344 27.57 21.60 15.66
N VAL A 345 26.73 22.45 15.06
CA VAL A 345 25.80 23.27 15.85
C VAL A 345 24.76 22.38 16.52
N SER A 346 24.22 21.40 15.79
CA SER A 346 23.15 20.58 16.33
C SER A 346 23.61 19.77 17.53
N VAL A 347 24.86 19.29 17.51
CA VAL A 347 25.39 18.53 18.62
C VAL A 347 25.45 19.39 19.88
N LYS A 348 25.90 20.63 19.76
CA LYS A 348 25.88 21.54 20.91
C LYS A 348 24.47 21.86 21.36
N ARG A 349 23.51 21.92 20.41
CA ARG A 349 22.14 22.25 20.78
C ARG A 349 21.56 21.21 21.73
N VAL A 350 22.03 19.96 21.67
CA VAL A 350 21.53 18.90 22.54
C VAL A 350 22.50 18.60 23.68
N SER A 351 23.75 19.01 23.55
CA SER A 351 24.75 18.77 24.59
C SER A 351 24.57 19.75 25.76
N ARG A 404 30.82 8.01 15.12
CA ARG A 404 30.27 9.06 15.95
C ARG A 404 30.35 10.41 15.25
N LEU A 405 29.77 10.47 14.05
CA LEU A 405 29.78 11.68 13.22
C LEU A 405 31.22 12.13 12.95
N SER A 406 31.97 11.23 12.30
CA SER A 406 33.39 11.47 12.09
C SER A 406 33.65 12.66 11.17
N GLY A 407 32.87 12.76 10.09
CA GLY A 407 33.13 13.78 9.10
C GLY A 407 34.32 13.50 8.21
N LEU A 408 34.81 12.27 8.18
CA LEU A 408 35.97 11.93 7.36
C LEU A 408 35.66 12.00 5.88
N SER A 409 34.45 11.60 5.48
CA SER A 409 34.13 11.50 4.06
C SER A 409 34.17 12.86 3.38
N VAL A 410 33.64 13.89 4.04
CA VAL A 410 33.63 15.22 3.45
C VAL A 410 35.05 15.73 3.24
N LEU A 411 35.90 15.57 4.25
CA LEU A 411 37.28 16.03 4.14
C LEU A 411 38.02 15.28 3.04
N LEU A 412 37.83 13.96 2.97
CA LEU A 412 38.50 13.17 1.95
C LEU A 412 38.05 13.59 0.56
N LEU A 413 36.75 13.77 0.37
CA LEU A 413 36.23 14.15 -0.95
C LEU A 413 36.76 15.50 -1.37
N CYS A 414 36.73 16.49 -0.46
CA CYS A 414 37.23 17.81 -0.82
C CYS A 414 38.73 17.78 -1.12
N CYS A 415 39.50 17.05 -0.30
CA CYS A 415 40.94 16.99 -0.51
C CYS A 415 41.30 16.33 -1.84
N VAL A 416 40.60 15.25 -2.20
CA VAL A 416 40.88 14.62 -3.48
C VAL A 416 40.47 15.53 -4.63
N PHE A 417 39.30 16.18 -4.53
CA PHE A 417 38.84 17.03 -5.61
C PHE A 417 39.80 18.18 -5.86
N LEU A 418 40.23 18.86 -4.79
CA LEU A 418 41.17 19.96 -4.96
C LEU A 418 42.47 19.49 -5.59
N LEU A 419 43.03 18.40 -5.08
CA LEU A 419 44.32 17.90 -5.55
C LEU A 419 44.25 17.53 -7.02
N ALA A 420 43.13 16.93 -7.44
CA ALA A 420 43.02 16.50 -8.83
C ALA A 420 42.72 17.68 -9.76
N THR A 421 41.98 18.68 -9.28
CA THR A 421 41.45 19.69 -10.20
C THR A 421 42.40 20.87 -10.34
N GLN A 422 43.01 21.33 -9.24
CA GLN A 422 43.80 22.57 -9.30
C GLN A 422 44.93 22.53 -10.32
N PRO A 423 45.69 21.44 -10.50
CA PRO A 423 46.72 21.44 -11.55
C PRO A 423 46.17 21.76 -12.93
N LEU A 424 44.97 21.26 -13.24
CA LEU A 424 44.39 21.54 -14.55
C LEU A 424 44.14 23.03 -14.75
N VAL A 425 43.57 23.71 -13.75
CA VAL A 425 43.30 25.13 -13.92
C VAL A 425 44.60 25.92 -13.97
N TRP A 426 45.59 25.51 -13.17
CA TRP A 426 46.88 26.20 -13.22
C TRP A 426 47.52 26.08 -14.60
N VAL A 427 47.43 24.90 -15.20
CA VAL A 427 48.02 24.72 -16.53
C VAL A 427 47.22 25.48 -17.59
N SER A 428 45.88 25.41 -17.50
CA SER A 428 45.04 26.01 -18.52
C SER A 428 45.10 27.53 -18.50
N LEU A 429 45.21 28.13 -17.30
CA LEU A 429 45.33 29.59 -17.24
C LEU A 429 46.61 30.06 -17.91
N ALA A 430 47.73 29.35 -17.67
CA ALA A 430 48.98 29.70 -18.31
C ALA A 430 48.90 29.49 -19.83
N SER A 431 48.32 28.36 -20.25
CA SER A 431 48.27 28.03 -21.67
C SER A 431 47.19 28.81 -22.42
N GLY A 432 46.35 29.56 -21.72
CA GLY A 432 45.33 30.35 -22.38
C GLY A 432 45.68 31.81 -22.51
N PHE A 433 46.84 32.19 -21.98
CA PHE A 433 47.28 33.58 -22.04
C PHE A 433 48.56 33.71 -22.86
N SER A 434 48.75 32.81 -23.82
CA SER A 434 49.92 32.82 -24.70
C SER A 434 51.22 32.80 -23.90
N LEU A 435 51.34 31.79 -23.04
CA LEU A 435 52.51 31.63 -22.18
C LEU A 435 53.04 30.21 -22.33
N PRO A 436 54.36 30.03 -22.21
CA PRO A 436 54.93 28.69 -22.40
C PRO A 436 54.48 27.73 -21.33
N VAL A 437 54.26 26.48 -21.74
CA VAL A 437 53.96 25.38 -20.82
C VAL A 437 54.86 24.21 -21.20
N PRO A 438 55.83 23.84 -20.34
CA PRO A 438 56.72 22.73 -20.68
C PRO A 438 55.99 21.43 -20.93
N TRP A 439 56.46 20.66 -21.92
CA TRP A 439 55.81 19.40 -22.24
C TRP A 439 55.89 18.43 -21.08
N GLY A 440 54.87 17.60 -20.93
CA GLY A 440 54.76 16.72 -19.79
C GLY A 440 54.05 17.31 -18.60
N VAL A 441 53.62 18.57 -18.68
CA VAL A 441 52.88 19.21 -17.61
C VAL A 441 51.37 19.08 -17.82
N GLN A 442 50.91 19.24 -19.06
CA GLN A 442 49.50 19.04 -19.37
C GLN A 442 49.07 17.60 -19.19
N ALA A 443 49.95 16.65 -19.53
CA ALA A 443 49.61 15.23 -19.40
C ALA A 443 49.35 14.86 -17.95
N ALA A 444 50.16 15.40 -17.03
CA ALA A 444 49.95 15.11 -15.62
C ALA A 444 48.59 15.63 -15.14
N SER A 445 48.23 16.84 -15.55
CA SER A 445 46.94 17.40 -15.15
C SER A 445 45.78 16.57 -15.70
N TRP A 446 45.86 16.21 -16.99
CA TRP A 446 44.81 15.39 -17.57
C TRP A 446 44.76 14.01 -16.94
N LEU A 447 45.94 13.44 -16.63
CA LEU A 447 45.96 12.15 -15.96
C LEU A 447 45.30 12.22 -14.59
N LEU A 448 45.55 13.28 -13.84
CA LEU A 448 44.90 13.45 -12.53
C LEU A 448 43.39 13.60 -12.68
N CYS A 449 42.95 14.37 -13.68
CA CYS A 449 41.51 14.51 -13.89
C CYS A 449 40.85 13.19 -14.24
N CYS A 450 41.48 12.41 -15.12
CA CYS A 450 40.95 11.08 -15.42
C CYS A 450 40.98 10.17 -14.21
N ALA A 451 41.99 10.30 -13.35
CA ALA A 451 42.01 9.54 -12.10
C ALA A 451 40.82 9.90 -11.22
N LEU A 452 40.50 11.19 -11.12
CA LEU A 452 39.31 11.58 -10.35
C LEU A 452 38.05 10.97 -10.94
N SER A 453 37.94 10.99 -12.28
CA SER A 453 36.77 10.37 -12.90
C SER A 453 36.69 8.89 -12.57
N ALA A 454 37.84 8.22 -12.56
CA ALA A 454 37.86 6.79 -12.23
C ALA A 454 37.45 6.54 -10.78
N LEU A 455 37.91 7.38 -9.86
CA LEU A 455 37.70 7.11 -8.43
C LEU A 455 36.47 7.78 -7.84
N ASN A 456 35.66 8.49 -8.64
CA ASN A 456 34.43 9.08 -8.10
C ASN A 456 33.56 8.11 -7.31
N PRO A 457 33.20 6.92 -7.81
CA PRO A 457 32.24 6.09 -7.06
C PRO A 457 32.70 5.69 -5.67
N LEU A 458 33.99 5.37 -5.52
CA LEU A 458 34.50 4.99 -4.21
C LEU A 458 34.40 6.15 -3.23
N LEU A 459 34.75 7.36 -3.66
CA LEU A 459 34.62 8.52 -2.80
C LEU A 459 33.16 8.78 -2.43
N TYR A 460 32.26 8.59 -3.39
CA TYR A 460 30.84 8.85 -3.12
C TYR A 460 30.27 7.85 -2.12
N THR A 461 30.62 6.58 -2.23
CA THR A 461 29.94 5.54 -1.48
C THR A 461 30.88 4.60 -0.72
N TRP A 462 31.82 5.12 0.07
CA TRP A 462 32.62 4.23 0.91
C TRP A 462 32.17 4.24 2.37
N ARG A 463 31.04 4.88 2.65
CA ARG A 463 30.51 4.94 4.01
C ARG A 463 29.02 4.63 4.05
N ASN A 464 28.43 4.35 2.89
CA ASN A 464 27.00 4.10 2.82
C ASN A 464 26.69 2.71 3.36
N GLU A 465 25.91 2.64 4.43
CA GLU A 465 25.57 1.35 5.03
C GLU A 465 24.73 0.49 4.08
N GLU A 466 23.80 1.13 3.35
CA GLU A 466 22.99 0.39 2.39
C GLU A 466 23.85 -0.18 1.27
N PHE A 467 24.80 0.61 0.77
CA PHE A 467 25.70 0.11 -0.27
C PHE A 467 26.59 -1.02 0.26
N ARG A 468 27.06 -0.90 1.49
CA ARG A 468 27.86 -1.96 2.08
C ARG A 468 27.07 -3.25 2.21
N ARG A 469 25.81 -3.13 2.66
CA ARG A 469 24.95 -4.31 2.78
C ARG A 469 24.69 -4.93 1.41
N SER A 470 24.46 -4.09 0.40
CA SER A 470 24.23 -4.62 -0.95
C SER A 470 25.46 -5.34 -1.47
N VAL A 471 26.65 -4.78 -1.24
CA VAL A 471 27.88 -5.45 -1.68
C VAL A 471 28.05 -6.79 -0.98
N ARG A 472 27.83 -6.81 0.33
CA ARG A 472 28.02 -8.05 1.08
C ARG A 472 26.97 -9.09 0.71
N SER A 473 25.77 -8.65 0.33
CA SER A 473 24.76 -9.60 -0.10
C SER A 473 25.05 -10.16 -1.49
N VAL A 474 25.52 -9.31 -2.41
CA VAL A 474 25.88 -9.79 -3.74
C VAL A 474 27.08 -10.72 -3.67
N LEU A 475 28.08 -10.35 -2.87
CA LEU A 475 29.28 -11.18 -2.71
C LEU A 475 28.94 -12.50 -2.03
N THR B 4 -5.45 -0.20 -28.82
CA THR B 4 -6.13 -1.44 -28.47
C THR B 4 -7.18 -1.18 -27.40
N LEU B 5 -6.85 -0.35 -26.42
CA LEU B 5 -7.77 -0.03 -25.34
C LEU B 5 -9.01 0.67 -25.89
N SER B 6 -10.16 0.33 -25.32
CA SER B 6 -11.40 1.01 -25.67
C SER B 6 -11.50 2.34 -24.94
N ALA B 7 -12.57 3.08 -25.23
CA ALA B 7 -12.76 4.39 -24.59
C ALA B 7 -12.97 4.24 -23.08
N GLU B 8 -13.77 3.25 -22.67
CA GLU B 8 -14.03 3.04 -21.26
C GLU B 8 -12.76 2.59 -20.54
N ASP B 9 -11.94 1.77 -21.20
CA ASP B 9 -10.67 1.35 -20.61
C ASP B 9 -9.75 2.55 -20.41
N LYS B 10 -9.69 3.46 -21.39
CA LYS B 10 -8.87 4.65 -21.26
C LYS B 10 -9.35 5.53 -20.11
N ALA B 11 -10.67 5.68 -19.97
CA ALA B 11 -11.20 6.48 -18.86
C ALA B 11 -10.89 5.84 -17.52
N ALA B 12 -10.97 4.51 -17.44
CA ALA B 12 -10.62 3.82 -16.21
C ALA B 12 -9.15 4.02 -15.87
N VAL B 13 -8.27 3.98 -16.88
CA VAL B 13 -6.84 4.19 -16.65
C VAL B 13 -6.59 5.61 -16.16
N GLU B 14 -7.29 6.59 -16.74
CA GLU B 14 -7.16 7.97 -16.27
C GLU B 14 -7.59 8.11 -14.82
N ARG B 15 -8.70 7.46 -14.45
CA ARG B 15 -9.15 7.48 -13.05
C ARG B 15 -8.09 6.86 -12.13
N SER B 16 -7.50 5.74 -12.56
CA SER B 16 -6.44 5.12 -11.77
C SER B 16 -5.25 6.05 -11.58
N LYS B 17 -4.87 6.76 -12.64
CA LYS B 17 -3.74 7.69 -12.54
C LYS B 17 -4.05 8.83 -11.58
N MET B 18 -5.28 9.34 -11.61
CA MET B 18 -5.65 10.41 -10.69
C MET B 18 -5.65 9.92 -9.24
N ILE B 19 -6.10 8.68 -9.02
CA ILE B 19 -6.02 8.09 -7.69
C ILE B 19 -4.57 7.97 -7.23
N ASP B 20 -3.69 7.54 -8.14
CA ASP B 20 -2.27 7.45 -7.82
C ASP B 20 -1.70 8.81 -7.42
N ARG B 21 -2.07 9.86 -8.16
CA ARG B 21 -1.60 11.19 -7.82
C ARG B 21 -2.06 11.61 -6.42
N ASN B 22 -3.33 11.36 -6.10
CA ASN B 22 -3.81 11.71 -4.76
C ASN B 22 -3.08 10.92 -3.68
N LEU B 23 -2.85 9.63 -3.91
CA LEU B 23 -2.13 8.82 -2.93
C LEU B 23 -0.72 9.34 -2.71
N ARG B 24 -0.03 9.71 -3.80
CA ARG B 24 1.31 10.28 -3.67
C ARG B 24 1.29 11.57 -2.87
N GLU B 25 0.30 12.43 -3.13
CA GLU B 25 0.21 13.69 -2.40
C GLU B 25 0.00 13.46 -0.90
N ASP B 26 -0.92 12.56 -0.54
CA ASP B 26 -1.13 12.29 0.87
C ASP B 26 0.09 11.64 1.51
N GLY B 27 0.80 10.79 0.77
CA GLY B 27 2.02 10.20 1.31
C GLY B 27 3.08 11.24 1.58
N GLU B 28 3.26 12.18 0.65
CA GLU B 28 4.23 13.26 0.87
C GLU B 28 3.82 14.11 2.06
N LYS B 29 2.53 14.39 2.21
CA LYS B 29 2.07 15.18 3.35
C LYS B 29 2.32 14.45 4.67
N ALA B 30 2.09 13.14 4.70
CA ALA B 30 2.25 12.38 5.93
C ALA B 30 3.71 12.13 6.28
N ALA B 31 4.59 12.11 5.28
CA ALA B 31 5.99 11.80 5.55
C ALA B 31 6.72 12.90 6.32
N ARG B 32 6.14 14.09 6.44
CA ARG B 32 6.78 15.20 7.12
C ARG B 32 6.25 15.43 8.52
N GLU B 33 5.66 14.41 9.15
CA GLU B 33 5.18 14.49 10.52
C GLU B 33 5.97 13.54 11.40
N VAL B 34 6.22 13.98 12.63
CA VAL B 34 7.05 13.23 13.58
C VAL B 34 6.13 12.40 14.47
N LYS B 35 6.41 11.11 14.56
CA LYS B 35 5.60 10.18 15.34
C LYS B 35 6.38 9.73 16.56
N LEU B 36 5.78 9.83 17.73
CA LEU B 36 6.41 9.43 18.98
C LEU B 36 5.53 8.40 19.69
N LEU B 37 6.17 7.39 20.26
CA LEU B 37 5.48 6.35 21.01
C LEU B 37 5.71 6.58 22.50
N LEU B 38 4.64 6.59 23.27
CA LEU B 38 4.71 6.88 24.69
C LEU B 38 4.55 5.61 25.51
N LEU B 39 5.49 5.36 26.41
CA LEU B 39 5.49 4.15 27.22
C LEU B 39 5.68 4.51 28.69
N GLY B 40 5.24 3.61 29.56
CA GLY B 40 5.37 3.81 30.99
C GLY B 40 5.02 2.57 31.79
N ALA B 41 5.54 2.50 33.02
CA ALA B 41 5.25 1.33 33.86
C ALA B 41 3.84 1.36 34.41
N GLY B 42 3.30 2.55 34.65
CA GLY B 42 1.97 2.69 35.22
C GLY B 42 1.60 4.15 35.36
N GLU B 43 1.06 4.54 36.52
CA GLU B 43 0.84 5.95 36.79
C GLU B 43 2.16 6.60 37.20
N SER B 44 3.08 6.73 36.24
CA SER B 44 4.41 7.25 36.48
C SER B 44 4.61 8.66 35.93
N GLY B 45 3.56 9.29 35.44
CA GLY B 45 3.64 10.65 34.94
C GLY B 45 3.28 10.84 33.48
N LYS B 46 2.69 9.85 32.82
CA LYS B 46 2.24 10.06 31.45
C LYS B 46 1.11 11.08 31.39
N SER B 47 0.21 11.06 32.37
CA SER B 47 -0.94 11.96 32.36
C SER B 47 -0.50 13.42 32.37
N THR B 48 0.46 13.76 33.23
CA THR B 48 0.87 15.16 33.34
C THR B 48 1.62 15.64 32.11
N ILE B 49 2.44 14.76 31.50
CA ILE B 49 3.18 15.18 30.31
C ILE B 49 2.24 15.30 29.12
N VAL B 50 1.20 14.47 29.05
CA VAL B 50 0.17 14.67 28.03
C VAL B 50 -0.59 15.96 28.29
N LYS B 51 -0.87 16.27 29.57
CA LYS B 51 -1.62 17.47 29.90
C LYS B 51 -0.85 18.73 29.54
N GLN B 52 0.48 18.73 29.74
CA GLN B 52 1.27 19.92 29.47
C GLN B 52 1.19 20.33 27.99
N MET B 53 1.14 19.36 27.09
CA MET B 53 1.03 19.66 25.66
C MET B 53 -0.31 20.30 25.34
N THR B 182 -11.75 2.55 24.98
CA THR B 182 -11.21 2.38 23.64
C THR B 182 -9.78 1.85 23.69
N GLY B 183 -9.12 1.80 22.54
CA GLY B 183 -7.79 1.24 22.45
C GLY B 183 -6.69 2.28 22.40
N ILE B 184 -6.14 2.50 21.20
CA ILE B 184 -5.03 3.42 21.07
C ILE B 184 -5.53 4.86 21.16
N VAL B 185 -4.71 5.72 21.75
CA VAL B 185 -5.05 7.13 21.96
C VAL B 185 -3.99 7.97 21.26
N GLU B 186 -4.42 8.89 20.40
CA GLU B 186 -3.52 9.75 19.65
C GLU B 186 -3.60 11.17 20.19
N THR B 187 -2.47 11.86 20.22
CA THR B 187 -2.39 13.25 20.63
C THR B 187 -1.60 14.02 19.58
N HIS B 188 -2.14 15.14 19.13
CA HIS B 188 -1.51 15.97 18.11
C HIS B 188 -1.19 17.34 18.70
N PHE B 189 0.00 17.84 18.40
CA PHE B 189 0.36 19.21 18.74
C PHE B 189 1.47 19.68 17.81
N THR B 190 1.53 20.99 17.61
CA THR B 190 2.50 21.61 16.71
C THR B 190 3.39 22.55 17.50
N PHE B 191 4.70 22.46 17.27
CA PHE B 191 5.68 23.30 17.94
C PHE B 191 6.73 23.73 16.94
N LYS B 192 6.92 25.04 16.78
CA LYS B 192 7.93 25.61 15.89
C LYS B 192 7.79 25.06 14.46
N ASP B 193 6.55 25.09 13.95
CA ASP B 193 6.21 24.64 12.61
C ASP B 193 6.54 23.17 12.38
N LEU B 194 6.56 22.37 13.44
CA LEU B 194 6.80 20.94 13.34
C LEU B 194 5.67 20.19 14.04
N HIS B 195 5.07 19.23 13.34
CA HIS B 195 3.87 18.54 13.81
C HIS B 195 4.23 17.22 14.45
N PHE B 196 3.86 17.05 15.71
CA PHE B 196 4.11 15.81 16.45
C PHE B 196 2.81 15.03 16.63
N LYS B 197 2.89 13.72 16.47
CA LYS B 197 1.81 12.81 16.85
C LYS B 197 2.34 11.87 17.92
N MET B 198 1.70 11.87 19.08
CA MET B 198 2.10 11.06 20.22
C MET B 198 1.06 9.98 20.46
N PHE B 199 1.47 8.72 20.41
CA PHE B 199 0.56 7.60 20.56
C PHE B 199 0.76 6.98 21.94
N ASP B 200 -0.31 6.93 22.72
CA ASP B 200 -0.30 6.29 24.03
C ASP B 200 -1.10 5.00 23.96
N VAL B 201 -0.45 3.88 24.30
CA VAL B 201 -1.07 2.56 24.18
C VAL B 201 -1.18 1.92 25.55
N GLY B 202 -1.34 2.74 26.59
CA GLY B 202 -1.47 2.19 27.93
C GLY B 202 -2.73 1.37 28.10
N GLY B 203 -3.82 1.77 27.43
CA GLY B 203 -5.08 1.06 27.55
C GLY B 203 -5.19 -0.22 26.74
N GLN B 204 -4.22 -0.49 25.87
CA GLN B 204 -4.24 -1.70 25.03
C GLN B 204 -3.78 -2.88 25.88
N ARG B 205 -4.72 -3.44 26.62
CA ARG B 205 -4.45 -4.54 27.55
C ARG B 205 -4.54 -5.86 26.82
N SER B 206 -3.41 -6.35 26.31
CA SER B 206 -3.33 -7.63 25.62
C SER B 206 -1.86 -8.00 25.54
N GLU B 207 -1.56 -9.05 24.77
CA GLU B 207 -0.17 -9.45 24.58
C GLU B 207 0.58 -8.39 23.81
N ARG B 208 1.68 -7.90 24.40
CA ARG B 208 2.42 -6.79 23.82
C ARG B 208 3.14 -7.17 22.53
N LYS B 209 3.68 -8.39 22.47
CA LYS B 209 4.49 -8.78 21.32
C LYS B 209 3.66 -9.01 20.06
N LYS B 210 2.34 -9.03 20.15
CA LYS B 210 1.50 -9.28 18.99
C LYS B 210 1.15 -8.01 18.22
N TRP B 211 1.45 -6.83 18.76
CA TRP B 211 1.20 -5.59 18.05
C TRP B 211 2.30 -4.56 18.23
N ILE B 212 3.40 -4.88 18.90
CA ILE B 212 4.45 -3.89 19.14
C ILE B 212 5.21 -3.61 17.85
N HIS B 213 5.19 -4.54 16.90
CA HIS B 213 5.87 -4.30 15.64
C HIS B 213 5.11 -3.34 14.74
N CYS B 214 3.87 -2.98 15.11
CA CYS B 214 3.13 -1.98 14.36
C CYS B 214 3.75 -0.60 14.47
N PHE B 215 4.56 -0.36 15.51
CA PHE B 215 5.18 0.93 15.74
C PHE B 215 6.63 0.97 15.27
N GLU B 216 7.08 -0.03 14.53
CA GLU B 216 8.42 0.00 13.96
C GLU B 216 8.51 1.13 12.94
N GLY B 217 9.56 1.95 13.06
CA GLY B 217 9.73 3.10 12.20
C GLY B 217 9.32 4.43 12.79
N VAL B 218 8.95 4.47 14.07
CA VAL B 218 8.65 5.75 14.70
C VAL B 218 9.94 6.56 14.84
N THR B 219 9.80 7.88 14.92
CA THR B 219 10.97 8.74 15.01
C THR B 219 11.73 8.51 16.31
N ALA B 220 11.03 8.42 17.43
CA ALA B 220 11.66 8.23 18.73
C ALA B 220 10.65 7.60 19.67
N ILE B 221 11.17 7.10 20.79
CA ILE B 221 10.35 6.51 21.85
C ILE B 221 10.53 7.38 23.10
N ILE B 222 9.41 7.76 23.71
CA ILE B 222 9.42 8.55 24.93
C ILE B 222 9.13 7.60 26.08
N PHE B 223 9.98 7.60 27.09
CA PHE B 223 9.82 6.72 28.25
C PHE B 223 9.66 7.56 29.52
N CYS B 224 8.67 7.23 30.33
CA CYS B 224 8.40 7.92 31.58
C CYS B 224 8.70 7.00 32.75
N VAL B 225 9.49 7.49 33.70
CA VAL B 225 9.86 6.74 34.89
C VAL B 225 9.57 7.60 36.11
N ALA B 226 8.92 7.01 37.11
CA ALA B 226 8.64 7.72 38.35
C ALA B 226 9.88 7.72 39.24
N LEU B 227 10.44 8.91 39.46
CA LEU B 227 11.68 9.05 40.22
C LEU B 227 11.45 8.92 41.72
N SER B 228 10.20 9.10 42.17
CA SER B 228 9.89 8.96 43.58
C SER B 228 9.49 7.54 43.96
N ASP B 229 9.36 6.62 42.99
CA ASP B 229 8.79 5.30 43.24
C ASP B 229 9.87 4.26 43.55
N TYR B 230 10.67 4.56 44.57
CA TYR B 230 11.62 3.59 45.11
C TYR B 230 11.22 3.08 46.48
N ASP B 231 10.81 3.98 47.38
CA ASP B 231 10.33 3.56 48.69
C ASP B 231 9.00 2.81 48.57
N LEU B 232 8.15 3.24 47.63
CA LEU B 232 6.86 2.61 47.45
C LEU B 232 7.02 1.17 46.97
N VAL B 233 6.12 0.30 47.44
CA VAL B 233 6.15 -1.11 47.07
C VAL B 233 4.89 -1.46 46.30
N ASN B 241 10.51 -1.03 45.56
CA ASN B 241 11.07 -1.87 44.50
C ASN B 241 10.31 -1.69 43.19
N ARG B 242 9.57 -0.59 43.08
CA ARG B 242 8.78 -0.31 41.90
C ARG B 242 9.60 0.35 40.79
N MET B 243 10.88 0.63 41.02
CA MET B 243 11.81 0.98 39.96
C MET B 243 12.43 -0.25 39.32
N HIS B 244 12.06 -1.43 39.79
CA HIS B 244 12.54 -2.66 39.17
C HIS B 244 11.60 -3.15 38.07
N GLU B 245 10.30 -2.97 38.23
CA GLU B 245 9.39 -3.20 37.11
C GLU B 245 9.68 -2.21 35.98
N SER B 246 9.93 -0.95 36.33
CA SER B 246 10.30 0.03 35.31
C SER B 246 11.62 -0.33 34.64
N MET B 247 12.59 -0.80 35.42
CA MET B 247 13.88 -1.18 34.84
C MET B 247 13.73 -2.37 33.90
N LYS B 248 12.91 -3.36 34.30
CA LYS B 248 12.68 -4.51 33.44
C LYS B 248 11.98 -4.10 32.15
N LEU B 249 10.98 -3.21 32.24
CA LEU B 249 10.30 -2.75 31.04
C LEU B 249 11.24 -1.97 30.13
N PHE B 250 12.09 -1.12 30.71
CA PHE B 250 13.06 -0.38 29.91
C PHE B 250 14.04 -1.32 29.22
N ASP B 251 14.51 -2.34 29.94
CA ASP B 251 15.43 -3.30 29.34
C ASP B 251 14.74 -4.09 28.23
N SER B 252 13.47 -4.43 28.41
CA SER B 252 12.75 -5.19 27.40
C SER B 252 12.51 -4.35 26.15
N ILE B 253 12.20 -3.07 26.31
CA ILE B 253 11.83 -2.26 25.15
C ILE B 253 13.07 -1.73 24.45
N CYS B 254 14.16 -1.51 25.19
CA CYS B 254 15.36 -0.93 24.59
C CYS B 254 16.11 -1.94 23.75
N ASN B 255 16.13 -3.19 24.18
CA ASN B 255 16.84 -4.26 23.48
C ASN B 255 15.93 -5.05 22.55
N ASN B 256 14.72 -4.57 22.30
CA ASN B 256 13.78 -5.28 21.45
C ASN B 256 14.30 -5.36 20.02
N LYS B 257 13.87 -6.39 19.30
CA LYS B 257 14.33 -6.58 17.92
C LYS B 257 13.85 -5.48 16.99
N TRP B 258 12.61 -5.01 17.15
CA TRP B 258 12.04 -4.03 16.24
C TRP B 258 12.56 -2.62 16.48
N PHE B 259 13.16 -2.34 17.63
CA PHE B 259 13.59 -1.00 18.00
C PHE B 259 15.10 -0.95 18.18
N THR B 260 15.83 -1.57 17.25
CA THR B 260 17.29 -1.55 17.34
C THR B 260 17.86 -0.17 17.04
N ASP B 261 17.28 0.54 16.07
CA ASP B 261 17.81 1.82 15.62
C ASP B 261 16.98 3.01 16.09
N THR B 262 15.99 2.80 16.95
CA THR B 262 15.10 3.86 17.39
C THR B 262 15.62 4.45 18.70
N SER B 263 15.90 5.76 18.70
CA SER B 263 16.38 6.42 19.89
C SER B 263 15.29 6.47 20.96
N ILE B 264 15.71 6.54 22.21
CA ILE B 264 14.81 6.58 23.35
C ILE B 264 15.04 7.86 24.14
N ILE B 265 13.98 8.59 24.40
CA ILE B 265 14.01 9.76 25.27
C ILE B 265 13.53 9.31 26.64
N LEU B 266 14.34 9.54 27.66
CA LEU B 266 14.03 9.11 29.02
C LEU B 266 13.59 10.31 29.85
N PHE B 267 12.42 10.21 30.46
CA PHE B 267 11.88 11.24 31.34
C PHE B 267 11.84 10.70 32.76
N LEU B 268 12.24 11.54 33.72
CA LEU B 268 12.22 11.17 35.13
C LEU B 268 11.29 12.14 35.85
N ASN B 269 10.03 11.76 35.99
CA ASN B 269 9.01 12.60 36.60
C ASN B 269 9.24 12.71 38.10
N LYS B 270 8.47 13.60 38.72
CA LYS B 270 8.37 13.69 40.18
C LYS B 270 9.71 14.03 40.82
N LYS B 271 10.26 15.19 40.45
CA LYS B 271 11.50 15.66 41.07
C LYS B 271 11.28 16.05 42.52
N ASP B 272 10.24 16.83 42.78
CA ASP B 272 10.05 17.41 44.11
C ASP B 272 9.72 16.34 45.15
N LEU B 273 8.83 15.40 44.79
CA LEU B 273 8.45 14.37 45.74
C LEU B 273 9.64 13.48 46.10
N PHE B 274 10.43 13.10 45.10
CA PHE B 274 11.62 12.29 45.37
C PHE B 274 12.65 13.07 46.19
N GLU B 275 12.79 14.36 45.90
CA GLU B 275 13.73 15.19 46.67
C GLU B 275 13.31 15.27 48.13
N GLU B 276 12.01 15.41 48.37
CA GLU B 276 11.50 15.41 49.74
C GLU B 276 11.71 14.05 50.41
N LYS B 277 11.51 12.97 49.65
CA LYS B 277 11.59 11.64 50.23
C LYS B 277 13.03 11.25 50.55
N ILE B 278 13.99 11.69 49.73
CA ILE B 278 15.37 11.21 49.83
C ILE B 278 15.99 11.57 51.17
N LYS B 279 15.48 12.64 51.81
CA LYS B 279 15.99 13.04 53.11
C LYS B 279 15.41 12.21 54.25
N LYS B 280 14.36 11.43 53.99
CA LYS B 280 13.77 10.55 54.99
C LYS B 280 14.05 9.07 54.71
N SER B 281 13.92 8.64 53.46
CA SER B 281 14.18 7.27 53.08
C SER B 281 15.50 7.17 52.32
N PRO B 282 16.48 6.46 52.85
CA PRO B 282 17.77 6.32 52.15
C PRO B 282 17.62 5.50 50.88
N LEU B 283 18.50 5.80 49.92
CA LEU B 283 18.52 5.09 48.64
C LEU B 283 19.29 3.77 48.77
N THR B 284 18.83 2.93 49.71
CA THR B 284 19.44 1.64 49.94
C THR B 284 18.45 0.49 49.92
N ILE B 285 17.14 0.77 49.88
CA ILE B 285 16.15 -0.29 49.76
C ILE B 285 16.21 -0.99 48.40
N CYS B 286 16.43 -0.25 47.32
CA CYS B 286 16.51 -0.80 45.98
C CYS B 286 17.93 -1.09 45.54
N TYR B 287 18.88 -0.21 45.87
CA TYR B 287 20.26 -0.36 45.44
C TYR B 287 21.17 -0.41 46.66
N PRO B 288 21.48 -1.60 47.19
CA PRO B 288 22.34 -1.66 48.38
C PRO B 288 23.80 -1.37 48.07
N GLU B 289 24.26 -1.67 46.86
CA GLU B 289 25.66 -1.47 46.52
C GLU B 289 26.02 0.02 46.47
N TYR B 290 25.02 0.90 46.35
CA TYR B 290 25.28 2.33 46.30
C TYR B 290 25.90 2.82 47.60
N ALA B 291 26.95 3.62 47.48
CA ALA B 291 27.63 4.21 48.63
C ALA B 291 27.93 5.67 48.31
N GLY B 292 27.22 6.57 48.98
CA GLY B 292 27.44 7.99 48.75
C GLY B 292 26.53 8.81 49.64
N SER B 293 26.70 10.13 49.56
CA SER B 293 25.90 11.04 50.36
C SER B 293 24.45 11.02 49.90
N ASN B 294 23.55 11.23 50.85
CA ASN B 294 22.11 11.27 50.59
C ASN B 294 21.75 12.67 50.12
N THR B 295 22.00 12.95 48.84
CA THR B 295 21.70 14.25 48.26
C THR B 295 20.92 14.08 46.97
N TYR B 296 20.05 15.04 46.66
CA TYR B 296 19.20 14.98 45.47
C TYR B 296 20.03 14.80 44.20
N GLU B 297 21.06 15.62 44.02
CA GLU B 297 21.85 15.60 42.79
C GLU B 297 22.56 14.25 42.60
N GLU B 298 23.24 13.78 43.64
CA GLU B 298 23.99 12.53 43.53
C GLU B 298 23.06 11.34 43.33
N ALA B 299 21.95 11.30 44.06
CA ALA B 299 21.00 10.21 43.90
C ALA B 299 20.39 10.21 42.50
N ALA B 300 20.03 11.38 42.00
CA ALA B 300 19.48 11.48 40.65
C ALA B 300 20.50 11.03 39.62
N ALA B 301 21.75 11.43 39.77
CA ALA B 301 22.80 11.01 38.85
C ALA B 301 23.01 9.50 38.90
N TYR B 302 22.95 8.92 40.11
CA TYR B 302 23.09 7.48 40.24
C TYR B 302 21.96 6.74 39.54
N ILE B 303 20.73 7.19 39.71
CA ILE B 303 19.60 6.54 39.05
C ILE B 303 19.70 6.71 37.54
N GLN B 304 20.11 7.90 37.08
CA GLN B 304 20.28 8.13 35.65
C GLN B 304 21.33 7.20 35.06
N CYS B 305 22.46 7.02 35.76
CA CYS B 305 23.50 6.12 35.28
C CYS B 305 23.03 4.68 35.29
N GLN B 306 22.25 4.29 36.31
CA GLN B 306 21.73 2.93 36.36
C GLN B 306 20.79 2.67 35.20
N PHE B 307 19.93 3.63 34.85
CA PHE B 307 19.00 3.45 33.76
C PHE B 307 19.68 3.45 32.40
N GLU B 308 20.63 4.35 32.19
CA GLU B 308 21.21 4.56 30.87
C GLU B 308 21.95 3.32 30.35
N ASP B 309 22.83 2.74 31.16
CA ASP B 309 23.70 1.68 30.69
C ASP B 309 22.99 0.35 30.46
N LEU B 310 21.67 0.31 30.55
CA LEU B 310 20.95 -0.94 30.32
C LEU B 310 20.89 -1.31 28.84
N ASN B 311 21.27 -0.41 27.94
CA ASN B 311 21.24 -0.71 26.52
C ASN B 311 22.50 -1.47 26.12
N LYS B 312 22.32 -2.47 25.25
CA LYS B 312 23.45 -3.25 24.77
C LYS B 312 24.08 -2.63 23.53
N ARG B 313 23.25 -2.18 22.60
CA ARG B 313 23.73 -1.51 21.38
C ARG B 313 23.85 -0.03 21.66
N LYS B 314 25.06 0.40 22.05
CA LYS B 314 25.32 1.81 22.31
C LYS B 314 25.84 2.55 21.10
N ASP B 315 26.01 1.88 19.97
CA ASP B 315 26.48 2.51 18.74
C ASP B 315 25.38 2.75 17.73
N THR B 316 24.19 2.17 17.93
CA THR B 316 23.10 2.31 16.98
C THR B 316 21.94 3.16 17.48
N LYS B 317 21.96 3.58 18.74
CA LYS B 317 20.92 4.47 19.26
C LYS B 317 21.49 5.30 20.39
N GLU B 318 20.83 6.43 20.65
CA GLU B 318 21.18 7.33 21.73
C GLU B 318 20.06 7.36 22.76
N ILE B 319 20.39 7.85 23.95
CA ILE B 319 19.42 7.99 25.03
C ILE B 319 19.56 9.39 25.61
N TYR B 320 18.46 10.15 25.59
CA TYR B 320 18.43 11.49 26.13
C TYR B 320 17.66 11.47 27.45
N THR B 321 18.25 12.06 28.48
CA THR B 321 17.68 12.05 29.82
C THR B 321 17.31 13.47 30.25
N HIS B 322 16.13 13.61 30.84
CA HIS B 322 15.65 14.89 31.33
C HIS B 322 14.83 14.67 32.59
N PHE B 323 14.81 15.68 33.45
CA PHE B 323 14.05 15.64 34.71
C PHE B 323 12.87 16.58 34.57
N THR B 324 11.72 16.01 34.19
CA THR B 324 10.55 16.81 33.80
C THR B 324 9.69 17.15 35.02
N CYS B 325 10.10 18.21 35.70
CA CYS B 325 9.29 18.80 36.75
C CYS B 325 9.28 20.33 36.70
N ALA B 326 10.01 20.93 35.75
CA ALA B 326 10.04 22.39 35.66
C ALA B 326 8.66 22.95 35.35
N THR B 327 7.92 22.31 34.46
CA THR B 327 6.58 22.75 34.05
C THR B 327 6.62 24.18 33.51
N ASP B 328 7.73 24.52 32.85
CA ASP B 328 7.92 25.84 32.25
C ASP B 328 8.16 25.74 30.75
N THR B 329 7.46 24.80 30.09
CA THR B 329 7.59 24.49 28.67
C THR B 329 8.99 24.06 28.29
N LYS B 330 9.80 23.62 29.26
CA LYS B 330 11.11 23.05 28.94
C LYS B 330 10.99 21.65 28.38
N ASN B 331 9.93 20.92 28.76
CA ASN B 331 9.76 19.56 28.27
C ASN B 331 9.53 19.54 26.76
N VAL B 332 8.66 20.42 26.27
CA VAL B 332 8.39 20.48 24.83
C VAL B 332 9.66 20.90 24.08
N GLN B 333 10.41 21.85 24.62
CA GLN B 333 11.63 22.29 23.97
C GLN B 333 12.66 21.17 23.92
N PHE B 334 12.79 20.41 25.01
CA PHE B 334 13.74 19.30 25.03
C PHE B 334 13.34 18.22 24.03
N VAL B 335 12.04 17.90 23.97
CA VAL B 335 11.59 16.91 23.00
C VAL B 335 11.87 17.39 21.58
N PHE B 336 11.63 18.67 21.32
CA PHE B 336 11.88 19.22 19.99
C PHE B 336 13.37 19.13 19.64
N ASP B 337 14.23 19.47 20.59
CA ASP B 337 15.68 19.41 20.33
C ASP B 337 16.12 17.98 20.05
N ALA B 338 15.64 17.02 20.85
CA ALA B 338 16.01 15.63 20.63
C ALA B 338 15.52 15.14 19.27
N VAL B 339 14.30 15.52 18.89
CA VAL B 339 13.76 15.08 17.60
C VAL B 339 14.56 15.69 16.46
N THR B 340 14.93 16.96 16.55
CA THR B 340 15.74 17.56 15.49
C THR B 340 17.10 16.88 15.37
N ASP B 341 17.73 16.56 16.50
CA ASP B 341 19.01 15.85 16.44
C ASP B 341 18.85 14.47 15.81
N VAL B 342 17.78 13.76 16.16
CA VAL B 342 17.52 12.46 15.54
C VAL B 342 17.28 12.55 14.05
N ILE B 343 16.54 13.57 13.60
CA ILE B 343 16.32 13.77 12.17
C ILE B 343 17.61 14.09 11.43
N ILE B 344 18.47 14.91 12.03
CA ILE B 344 19.74 15.24 11.39
C ILE B 344 20.63 14.01 11.29
N LYS B 345 20.71 13.22 12.36
CA LYS B 345 21.51 11.99 12.32
C LYS B 345 20.91 10.91 11.44
N ASN B 346 19.65 11.06 11.03
CA ASN B 346 19.07 10.17 10.03
C ASN B 346 19.29 10.64 8.61
N ASN B 347 19.28 11.95 8.38
CA ASN B 347 19.63 12.50 7.08
C ASN B 347 21.11 12.39 6.76
N LEU B 348 21.97 12.31 7.78
CA LEU B 348 23.39 12.06 7.57
C LEU B 348 23.69 10.61 7.21
N LYS B 349 22.65 9.78 7.05
CA LYS B 349 22.83 8.39 6.68
C LYS B 349 22.32 8.07 5.29
N ASP B 350 21.22 8.68 4.85
CA ASP B 350 20.79 8.53 3.47
C ASP B 350 21.80 9.14 2.51
N CYS B 351 22.34 10.30 2.86
CA CYS B 351 23.40 10.91 2.06
C CYS B 351 24.65 10.06 2.07
N GLY B 352 24.91 9.34 3.17
CA GLY B 352 26.10 8.54 3.29
C GLY B 352 27.24 9.22 4.03
N LEU B 353 27.00 10.39 4.61
CA LEU B 353 28.06 11.16 5.26
C LEU B 353 28.38 10.65 6.66
N PHE B 354 27.72 9.57 7.08
CA PHE B 354 27.93 9.03 8.41
N LEU C 21 -12.91 -25.81 44.64
CA LEU C 21 -12.99 -27.23 44.95
C LEU C 21 -12.11 -28.04 44.00
N ASP C 22 -11.10 -28.70 44.54
CA ASP C 22 -10.19 -29.49 43.71
C ASP C 22 -10.85 -30.75 43.16
N GLN C 23 -12.01 -31.14 43.70
CA GLN C 23 -12.73 -32.28 43.14
C GLN C 23 -13.18 -31.99 41.71
N LEU C 24 -13.64 -30.76 41.45
CA LEU C 24 -14.03 -30.40 40.09
C LEU C 24 -12.85 -30.43 39.14
N ARG C 25 -11.69 -29.94 39.59
CA ARG C 25 -10.49 -29.99 38.77
C ARG C 25 -10.08 -31.44 38.49
N GLN C 26 -10.19 -32.30 39.50
CA GLN C 26 -9.85 -33.72 39.30
C GLN C 26 -10.81 -34.36 38.31
N GLU C 27 -12.10 -34.05 38.40
CA GLU C 27 -13.06 -34.57 37.44
C GLU C 27 -12.77 -34.07 36.02
N ALA C 28 -12.41 -32.80 35.89
CA ALA C 28 -12.04 -32.28 34.58
C ALA C 28 -10.82 -32.99 34.02
N GLU C 29 -9.81 -33.23 34.86
CA GLU C 29 -8.62 -33.93 34.41
C GLU C 29 -8.94 -35.37 34.01
N GLN C 30 -9.82 -36.04 34.76
CA GLN C 30 -10.24 -37.38 34.39
C GLN C 30 -10.98 -37.39 33.07
N LEU C 31 -11.85 -36.41 32.84
CA LEU C 31 -12.54 -36.31 31.56
C LEU C 31 -11.55 -36.07 30.42
N LYS C 32 -10.52 -35.25 30.67
CA LYS C 32 -9.51 -35.01 29.65
C LYS C 32 -8.75 -36.28 29.32
N ASN C 33 -8.39 -37.07 30.33
CA ASN C 33 -7.75 -38.36 30.05
C ASN C 33 -8.68 -39.28 29.26
N GLN C 34 -9.97 -39.27 29.63
CA GLN C 34 -10.93 -40.13 28.94
C GLN C 34 -11.04 -39.77 27.47
N ILE C 35 -11.16 -38.47 27.17
CA ILE C 35 -11.29 -38.08 25.77
C ILE C 35 -9.99 -38.33 25.00
N ARG C 36 -8.84 -38.13 25.65
CA ARG C 36 -7.57 -38.42 24.98
C ARG C 36 -7.47 -39.91 24.64
N ASP C 37 -7.85 -40.78 25.57
CA ASP C 37 -7.84 -42.21 25.28
C ASP C 37 -8.85 -42.56 24.18
N ALA C 38 -10.01 -41.92 24.19
CA ALA C 38 -11.02 -42.21 23.17
C ALA C 38 -10.53 -41.83 21.78
N ARG C 39 -9.87 -40.66 21.65
CA ARG C 39 -9.36 -40.29 20.33
C ARG C 39 -8.06 -41.01 19.99
N LYS C 40 -7.37 -41.59 20.97
CA LYS C 40 -6.22 -42.44 20.65
C LYS C 40 -6.66 -43.80 20.15
N ALA C 41 -7.77 -44.32 20.67
CA ALA C 41 -8.25 -45.63 20.22
C ALA C 41 -8.70 -45.60 18.77
N CYS C 42 -9.05 -44.42 18.25
CA CYS C 42 -9.52 -44.30 16.88
C CYS C 42 -8.39 -44.13 15.87
N ALA C 43 -7.14 -44.06 16.31
CA ALA C 43 -6.00 -43.92 15.41
C ALA C 43 -5.53 -45.30 15.01
N ASP C 44 -6.02 -45.75 13.85
CA ASP C 44 -5.70 -47.07 13.34
C ASP C 44 -4.46 -47.02 12.45
N ALA C 45 -4.46 -46.17 11.44
CA ALA C 45 -3.33 -45.99 10.54
C ALA C 45 -3.18 -44.51 10.24
N THR C 46 -1.93 -44.08 10.06
CA THR C 46 -1.68 -42.68 9.76
C THR C 46 -2.02 -42.36 8.31
N LEU C 47 -2.10 -41.06 8.02
CA LEU C 47 -2.36 -40.63 6.65
C LEU C 47 -1.17 -40.93 5.74
N SER C 48 0.05 -40.89 6.28
CA SER C 48 1.23 -41.17 5.49
C SER C 48 1.21 -42.57 4.91
N GLN C 49 0.80 -43.55 5.73
CA GLN C 49 0.71 -44.92 5.23
C GLN C 49 -0.34 -45.03 4.13
N ILE C 50 -1.46 -44.32 4.28
CA ILE C 50 -2.51 -44.36 3.27
C ILE C 50 -2.02 -43.78 1.96
N THR C 51 -1.32 -42.64 2.01
CA THR C 51 -0.84 -41.97 0.81
C THR C 51 0.63 -42.27 0.52
N ASN C 52 1.13 -43.42 0.94
CA ASN C 52 2.48 -43.84 0.59
C ASN C 52 2.63 -44.23 -0.87
N ASN C 53 1.53 -44.43 -1.59
CA ASN C 53 1.58 -44.99 -2.94
C ASN C 53 1.21 -44.00 -4.03
N ILE C 54 0.50 -42.92 -3.70
CA ILE C 54 0.09 -41.97 -4.73
C ILE C 54 1.32 -41.27 -5.32
N ASP C 55 1.24 -40.92 -6.59
CA ASP C 55 2.37 -40.32 -7.27
C ASP C 55 2.61 -38.90 -6.74
N PRO C 56 3.87 -38.51 -6.53
CA PRO C 56 4.15 -37.18 -5.99
C PRO C 56 3.81 -36.09 -7.00
N VAL C 57 3.52 -34.90 -6.47
CA VAL C 57 3.19 -33.76 -7.30
C VAL C 57 4.33 -33.33 -8.21
N GLY C 58 5.57 -33.44 -7.76
CA GLY C 58 6.70 -33.07 -8.58
C GLY C 58 7.28 -31.73 -8.14
N ARG C 59 7.46 -30.83 -9.10
CA ARG C 59 7.96 -29.49 -8.83
C ARG C 59 6.96 -28.47 -9.37
N ILE C 60 6.64 -27.47 -8.55
CA ILE C 60 5.70 -26.42 -8.89
C ILE C 60 6.47 -25.12 -9.01
N GLN C 61 6.44 -24.51 -10.18
CA GLN C 61 7.15 -23.26 -10.45
C GLN C 61 6.12 -22.19 -10.80
N MET C 62 6.12 -21.11 -10.03
CA MET C 62 5.19 -20.00 -10.23
C MET C 62 5.98 -18.73 -10.49
N ARG C 63 5.56 -17.97 -11.50
CA ARG C 63 6.19 -16.70 -11.86
C ARG C 63 5.24 -15.55 -11.55
N THR C 64 5.79 -14.50 -10.95
CA THR C 64 4.98 -13.33 -10.59
C THR C 64 4.46 -12.67 -11.86
N ARG C 65 3.15 -12.83 -12.09
CA ARG C 65 2.53 -12.26 -13.29
C ARG C 65 2.28 -10.76 -13.18
N ARG C 66 1.93 -10.28 -11.99
CA ARG C 66 1.61 -8.88 -11.82
C ARG C 66 2.19 -8.39 -10.50
N THR C 67 2.41 -7.08 -10.42
CA THR C 67 2.87 -6.42 -9.21
C THR C 67 2.07 -5.14 -9.01
N LEU C 68 1.60 -4.93 -7.80
CA LEU C 68 0.77 -3.78 -7.47
C LEU C 68 1.58 -2.82 -6.59
N ARG C 69 1.66 -1.57 -7.02
CA ARG C 69 2.62 -0.60 -6.46
C ARG C 69 1.91 0.65 -5.96
N GLY C 70 0.88 0.47 -5.14
CA GLY C 70 0.14 1.61 -4.65
C GLY C 70 0.45 2.04 -3.23
N HIS C 71 0.63 1.06 -2.34
CA HIS C 71 0.78 1.36 -0.93
C HIS C 71 2.15 1.97 -0.65
N LEU C 72 2.25 2.63 0.50
CA LEU C 72 3.49 3.30 0.90
C LEU C 72 3.99 2.82 2.26
N ALA C 73 3.39 1.79 2.84
CA ALA C 73 3.79 1.26 4.14
C ALA C 73 3.59 -0.24 4.12
N LYS C 74 3.65 -0.85 5.30
CA LYS C 74 3.51 -2.30 5.42
C LYS C 74 2.06 -2.72 5.19
N ILE C 75 1.87 -3.83 4.50
CA ILE C 75 0.54 -4.36 4.21
C ILE C 75 0.23 -5.46 5.20
N TYR C 76 -0.93 -5.38 5.84
CA TYR C 76 -1.30 -6.32 6.89
C TYR C 76 -2.41 -7.29 6.52
N ALA C 77 -3.19 -7.02 5.47
CA ALA C 77 -4.28 -7.91 5.12
C ALA C 77 -4.67 -7.73 3.67
N MET C 78 -5.34 -8.75 3.11
CA MET C 78 -5.91 -8.69 1.78
C MET C 78 -6.99 -9.76 1.70
N HIS C 79 -7.94 -9.57 0.78
CA HIS C 79 -9.00 -10.55 0.58
C HIS C 79 -9.47 -10.49 -0.87
N TRP C 80 -9.68 -11.67 -1.46
CA TRP C 80 -10.12 -11.77 -2.84
C TRP C 80 -11.62 -11.55 -2.95
N GLY C 81 -12.04 -10.89 -4.01
CA GLY C 81 -13.45 -10.84 -4.32
C GLY C 81 -13.97 -12.16 -4.84
N THR C 82 -15.29 -12.33 -4.78
CA THR C 82 -15.89 -13.60 -5.20
C THR C 82 -15.81 -13.79 -6.71
N ASP C 83 -15.66 -12.71 -7.47
CA ASP C 83 -15.57 -12.81 -8.92
C ASP C 83 -14.14 -12.99 -9.42
N SER C 84 -13.17 -13.10 -8.51
CA SER C 84 -11.78 -13.47 -8.84
C SER C 84 -11.09 -12.44 -9.73
N ARG C 85 -11.58 -11.20 -9.69
CA ARG C 85 -10.93 -10.10 -10.38
C ARG C 85 -10.58 -8.93 -9.49
N LEU C 86 -11.38 -8.61 -8.49
CA LEU C 86 -11.16 -7.47 -7.62
C LEU C 86 -10.71 -7.98 -6.25
N LEU C 87 -9.71 -7.31 -5.68
CA LEU C 87 -9.24 -7.63 -4.34
C LEU C 87 -9.01 -6.34 -3.57
N VAL C 88 -9.13 -6.43 -2.25
CA VAL C 88 -8.97 -5.27 -1.37
C VAL C 88 -7.76 -5.54 -0.47
N SER C 89 -6.92 -4.51 -0.29
CA SER C 89 -5.75 -4.63 0.54
C SER C 89 -5.74 -3.49 1.57
N ALA C 90 -5.32 -3.81 2.78
CA ALA C 90 -5.25 -2.85 3.87
C ALA C 90 -3.80 -2.72 4.33
N SER C 91 -3.34 -1.48 4.48
CA SER C 91 -1.99 -1.22 4.93
C SER C 91 -2.02 -0.13 5.99
N GLN C 92 -0.94 -0.04 6.76
CA GLN C 92 -0.88 0.89 7.88
C GLN C 92 -0.53 2.31 7.46
N ASP C 93 -0.61 2.64 6.17
CA ASP C 93 -0.54 4.02 5.75
C ASP C 93 -1.89 4.71 5.76
N GLY C 94 -2.95 4.00 6.16
CA GLY C 94 -4.26 4.62 6.33
C GLY C 94 -5.18 4.55 5.14
N LYS C 95 -4.97 3.61 4.22
CA LYS C 95 -5.78 3.52 3.01
C LYS C 95 -6.26 2.10 2.77
N LEU C 96 -7.48 1.98 2.28
CA LEU C 96 -7.99 0.75 1.69
C LEU C 96 -8.04 0.94 0.18
N ILE C 97 -7.42 0.03 -0.56
CA ILE C 97 -7.36 0.11 -2.01
C ILE C 97 -8.00 -1.13 -2.60
N ILE C 98 -8.90 -0.95 -3.56
CA ILE C 98 -9.53 -2.05 -4.28
C ILE C 98 -8.94 -2.10 -5.67
N TRP C 99 -8.25 -3.19 -5.99
CA TRP C 99 -7.53 -3.33 -7.25
C TRP C 99 -8.34 -4.14 -8.24
N ASP C 100 -8.16 -3.82 -9.52
CA ASP C 100 -8.62 -4.69 -10.60
C ASP C 100 -7.39 -5.49 -11.04
N SER C 101 -7.33 -6.75 -10.61
CA SER C 101 -6.08 -7.49 -10.69
C SER C 101 -5.68 -7.79 -12.13
N TYR C 102 -6.65 -7.90 -13.04
CA TYR C 102 -6.33 -8.21 -14.43
C TYR C 102 -5.51 -7.09 -15.07
N THR C 103 -5.87 -5.84 -14.81
CA THR C 103 -5.25 -4.71 -15.47
C THR C 103 -4.52 -3.77 -14.52
N THR C 104 -4.34 -4.16 -13.25
CA THR C 104 -3.57 -3.44 -12.24
C THR C 104 -4.24 -2.12 -11.83
N ASN C 105 -5.33 -1.73 -12.49
CA ASN C 105 -5.97 -0.44 -12.22
C ASN C 105 -6.52 -0.41 -10.79
N LYS C 106 -6.61 0.79 -10.24
CA LYS C 106 -7.21 1.01 -8.93
C LYS C 106 -8.66 1.45 -9.13
N VAL C 107 -9.59 0.73 -8.53
CA VAL C 107 -11.00 1.08 -8.66
C VAL C 107 -11.39 2.11 -7.59
N HIS C 108 -11.02 1.85 -6.34
CA HIS C 108 -11.38 2.71 -5.23
C HIS C 108 -10.17 2.89 -4.33
N ALA C 109 -10.17 3.98 -3.57
CA ALA C 109 -9.15 4.24 -2.55
C ALA C 109 -9.85 4.90 -1.36
N ILE C 110 -9.97 4.16 -0.26
CA ILE C 110 -10.80 4.55 0.87
C ILE C 110 -9.88 4.98 2.01
N PRO C 111 -9.94 6.22 2.47
CA PRO C 111 -9.13 6.63 3.63
C PRO C 111 -9.80 6.22 4.93
N LEU C 112 -9.00 5.68 5.85
CA LEU C 112 -9.50 5.17 7.12
C LEU C 112 -9.34 6.22 8.21
N ARG C 113 -10.29 6.23 9.15
CA ARG C 113 -10.22 7.18 10.26
C ARG C 113 -9.04 6.87 11.18
N SER C 114 -8.78 5.59 11.44
CA SER C 114 -7.64 5.16 12.24
C SER C 114 -6.73 4.30 11.37
N SER C 115 -5.43 4.62 11.39
CA SER C 115 -4.50 4.00 10.45
C SER C 115 -3.92 2.69 10.97
N TRP C 116 -4.26 2.26 12.17
CA TRP C 116 -3.74 1.01 12.72
C TRP C 116 -4.61 -0.18 12.35
N VAL C 117 -4.62 -0.53 11.06
CA VAL C 117 -5.46 -1.60 10.55
C VAL C 117 -4.74 -2.93 10.68
N MET C 118 -5.48 -3.98 11.02
CA MET C 118 -4.94 -5.33 11.13
C MET C 118 -5.70 -6.37 10.35
N THR C 119 -6.88 -6.06 9.79
CA THR C 119 -7.69 -7.06 9.13
C THR C 119 -8.50 -6.40 8.01
N CYS C 120 -9.02 -7.24 7.12
CA CYS C 120 -9.78 -6.78 5.98
C CYS C 120 -10.66 -7.91 5.47
N ALA C 121 -11.76 -7.55 4.79
CA ALA C 121 -12.69 -8.54 4.28
C ALA C 121 -13.43 -7.97 3.08
N TYR C 122 -13.97 -8.87 2.25
CA TYR C 122 -14.75 -8.51 1.06
C TYR C 122 -16.06 -9.28 1.11
N ALA C 123 -17.17 -8.59 0.93
CA ALA C 123 -18.47 -9.25 1.01
C ALA C 123 -18.65 -10.22 -0.15
N PRO C 124 -19.34 -11.34 0.04
CA PRO C 124 -19.57 -12.27 -1.08
C PRO C 124 -20.34 -11.63 -2.23
N SER C 125 -21.29 -10.75 -1.95
CA SER C 125 -22.06 -10.10 -3.00
C SER C 125 -21.28 -8.98 -3.67
N GLY C 126 -20.22 -8.47 -3.03
CA GLY C 126 -19.41 -7.42 -3.60
C GLY C 126 -19.88 -6.01 -3.32
N ASN C 127 -20.88 -5.83 -2.46
CA ASN C 127 -21.36 -4.49 -2.16
C ASN C 127 -20.63 -3.84 -1.00
N TYR C 128 -20.08 -4.61 -0.07
CA TYR C 128 -19.51 -4.05 1.15
C TYR C 128 -18.11 -4.58 1.36
N VAL C 129 -17.33 -3.81 2.13
CA VAL C 129 -16.05 -4.26 2.67
C VAL C 129 -16.01 -3.89 4.15
N ALA C 130 -15.15 -4.58 4.88
CA ALA C 130 -15.02 -4.39 6.32
C ALA C 130 -13.56 -4.12 6.67
N CYS C 131 -13.34 -3.52 7.83
CA CYS C 131 -12.01 -3.10 8.25
C CYS C 131 -11.98 -2.97 9.76
N GLY C 132 -10.78 -3.12 10.33
CA GLY C 132 -10.63 -3.02 11.77
C GLY C 132 -9.17 -3.14 12.16
N GLY C 133 -8.91 -2.90 13.45
CA GLY C 133 -7.55 -2.96 13.93
C GLY C 133 -7.39 -2.67 15.41
N LEU C 134 -6.37 -1.87 15.77
CA LEU C 134 -6.04 -1.60 17.16
C LEU C 134 -7.08 -0.71 17.85
N ASP C 135 -8.02 -0.14 17.11
CA ASP C 135 -9.01 0.75 17.72
C ASP C 135 -10.26 0.01 18.18
N ASN C 136 -10.30 -1.31 18.09
CA ASN C 136 -11.38 -2.15 18.61
C ASN C 136 -12.72 -1.88 17.94
N ILE C 137 -12.72 -1.42 16.69
CA ILE C 137 -13.94 -1.12 15.95
C ILE C 137 -13.88 -1.80 14.60
N CYS C 138 -14.98 -2.42 14.20
CA CYS C 138 -15.13 -3.00 12.86
C CYS C 138 -16.01 -2.06 12.05
N SER C 139 -15.47 -1.55 10.94
CA SER C 139 -16.16 -0.57 10.12
C SER C 139 -16.63 -1.20 8.82
N ILE C 140 -17.87 -0.92 8.45
CA ILE C 140 -18.47 -1.43 7.21
C ILE C 140 -18.58 -0.29 6.22
N TYR C 141 -18.11 -0.52 4.99
CA TYR C 141 -18.11 0.50 3.94
C TYR C 141 -19.04 0.07 2.82
N ASN C 142 -19.81 1.02 2.29
CA ASN C 142 -20.75 0.75 1.21
C ASN C 142 -20.10 1.19 -0.11
N LEU C 143 -19.93 0.25 -1.03
CA LEU C 143 -19.24 0.53 -2.28
C LEU C 143 -20.16 1.00 -3.41
N LYS C 144 -21.43 0.62 -3.38
CA LYS C 144 -22.35 0.84 -4.50
C LYS C 144 -23.48 1.75 -4.04
N THR C 145 -23.27 3.05 -4.18
CA THR C 145 -24.24 4.06 -3.78
C THR C 145 -24.47 5.05 -4.91
N ARG C 146 -25.57 5.79 -4.80
CA ARG C 146 -25.97 6.72 -5.87
C ARG C 146 -25.11 7.97 -5.92
N GLU C 147 -24.51 8.40 -4.81
CA GLU C 147 -23.70 9.61 -4.80
C GLU C 147 -22.33 9.41 -5.42
N GLY C 148 -21.92 8.18 -5.70
CA GLY C 148 -20.67 7.92 -6.37
C GLY C 148 -19.44 7.87 -5.50
N ASN C 149 -19.58 7.96 -4.18
CA ASN C 149 -18.44 7.92 -3.27
C ASN C 149 -18.67 6.86 -2.20
N VAL C 150 -17.58 6.25 -1.75
CA VAL C 150 -17.67 5.21 -0.74
C VAL C 150 -17.91 5.84 0.62
N ARG C 151 -18.92 5.33 1.34
CA ARG C 151 -19.33 5.87 2.62
C ARG C 151 -19.29 4.80 3.69
N VAL C 152 -19.09 5.24 4.93
CA VAL C 152 -19.09 4.32 6.07
C VAL C 152 -20.52 3.99 6.44
N SER C 153 -20.88 2.71 6.34
CA SER C 153 -22.26 2.31 6.61
C SER C 153 -22.51 2.16 8.11
N ARG C 154 -21.70 1.34 8.79
CA ARG C 154 -21.85 1.12 10.22
C ARG C 154 -20.47 1.06 10.86
N GLU C 155 -20.44 1.29 12.17
CA GLU C 155 -19.24 1.12 12.99
C GLU C 155 -19.61 0.22 14.16
N LEU C 156 -19.07 -0.99 14.18
CA LEU C 156 -19.40 -1.98 15.19
C LEU C 156 -18.39 -1.90 16.33
N ALA C 157 -18.88 -1.61 17.53
CA ALA C 157 -18.05 -1.52 18.72
C ALA C 157 -18.57 -2.48 19.79
N GLY C 158 -17.68 -2.90 20.68
CA GLY C 158 -18.04 -3.85 21.71
C GLY C 158 -16.93 -4.78 22.14
N HIS C 159 -15.90 -4.95 21.31
CA HIS C 159 -14.73 -5.70 21.74
C HIS C 159 -13.81 -4.83 22.58
N THR C 160 -13.20 -5.46 23.58
CA THR C 160 -12.25 -4.80 24.47
C THR C 160 -10.83 -4.82 23.91
N GLY C 161 -10.50 -5.80 23.07
CA GLY C 161 -9.18 -5.88 22.48
C GLY C 161 -9.23 -5.71 20.98
N TYR C 162 -8.04 -5.64 20.38
CA TYR C 162 -7.89 -5.34 18.97
C TYR C 162 -8.55 -6.41 18.10
N LEU C 163 -9.07 -6.01 16.94
CA LEU C 163 -9.68 -6.94 15.99
C LEU C 163 -8.59 -7.71 15.28
N SER C 164 -8.70 -9.03 15.27
CA SER C 164 -7.73 -9.87 14.59
C SER C 164 -8.22 -10.28 13.21
N CYS C 165 -9.50 -10.62 13.09
CA CYS C 165 -10.05 -11.10 11.83
C CYS C 165 -11.53 -10.75 11.77
N CYS C 166 -12.07 -10.78 10.54
CA CYS C 166 -13.49 -10.55 10.31
C CYS C 166 -13.87 -11.17 8.97
N ARG C 167 -15.02 -11.82 8.93
CA ARG C 167 -15.46 -12.52 7.73
C ARG C 167 -16.96 -12.39 7.55
N PHE C 168 -17.38 -12.03 6.34
CA PHE C 168 -18.80 -11.83 6.06
C PHE C 168 -19.51 -13.17 5.90
N LEU C 169 -20.70 -13.28 6.51
CA LEU C 169 -21.59 -14.39 6.22
C LEU C 169 -22.52 -14.07 5.07
N ASP C 170 -23.09 -12.87 5.08
CA ASP C 170 -23.88 -12.33 3.97
C ASP C 170 -23.86 -10.81 4.10
N ASP C 171 -24.76 -10.13 3.40
CA ASP C 171 -24.76 -8.67 3.45
C ASP C 171 -25.24 -8.12 4.78
N ASN C 172 -25.76 -8.97 5.67
CA ASN C 172 -26.33 -8.52 6.93
C ASN C 172 -25.70 -9.13 8.17
N GLN C 173 -24.78 -10.08 8.01
CA GLN C 173 -24.16 -10.74 9.16
C GLN C 173 -22.66 -10.79 8.99
N ILE C 174 -21.94 -10.78 10.10
CA ILE C 174 -20.47 -10.80 10.09
C ILE C 174 -20.00 -11.38 11.41
N VAL C 175 -18.91 -12.16 11.35
CA VAL C 175 -18.27 -12.72 12.54
C VAL C 175 -16.91 -12.06 12.69
N THR C 176 -16.60 -11.62 13.91
CA THR C 176 -15.37 -10.90 14.20
C THR C 176 -14.57 -11.65 15.26
N SER C 177 -13.25 -11.59 15.14
CA SER C 177 -12.33 -12.17 16.09
C SER C 177 -11.50 -11.09 16.76
N SER C 178 -11.41 -11.13 18.08
CA SER C 178 -10.80 -10.06 18.85
C SER C 178 -9.73 -10.60 19.79
N GLY C 179 -8.86 -9.71 20.23
CA GLY C 179 -7.79 -10.04 21.14
C GLY C 179 -8.18 -10.10 22.61
N ASP C 180 -9.45 -9.92 22.93
CA ASP C 180 -9.93 -10.08 24.29
C ASP C 180 -10.47 -11.48 24.56
N THR C 181 -9.98 -12.48 23.83
CA THR C 181 -10.26 -13.91 23.97
C THR C 181 -11.68 -14.28 23.56
N THR C 182 -12.43 -13.43 22.87
CA THR C 182 -13.80 -13.73 22.49
C THR C 182 -14.02 -13.47 21.00
N CYS C 183 -14.95 -14.24 20.43
CA CYS C 183 -15.46 -14.05 19.09
C CYS C 183 -16.95 -13.73 19.17
N ALA C 184 -17.43 -12.93 18.22
CA ALA C 184 -18.81 -12.47 18.28
C ALA C 184 -19.44 -12.50 16.90
N LEU C 185 -20.75 -12.65 16.86
CA LEU C 185 -21.55 -12.58 15.65
C LEU C 185 -22.43 -11.35 15.72
N TRP C 186 -22.36 -10.50 14.69
CA TRP C 186 -23.03 -9.20 14.68
C TRP C 186 -24.20 -9.20 13.73
N ASP C 187 -25.09 -8.23 13.93
CA ASP C 187 -26.13 -7.89 12.96
C ASP C 187 -25.84 -6.47 12.48
N ILE C 188 -25.47 -6.34 11.20
CA ILE C 188 -24.97 -5.07 10.70
C ILE C 188 -26.08 -4.01 10.71
N GLU C 189 -27.31 -4.43 10.42
CA GLU C 189 -28.41 -3.45 10.35
C GLU C 189 -28.66 -2.80 11.70
N THR C 190 -28.64 -3.59 12.78
CA THR C 190 -28.89 -3.05 14.11
C THR C 190 -27.61 -2.71 14.87
N GLY C 191 -26.50 -3.37 14.56
CA GLY C 191 -25.25 -3.09 15.23
C GLY C 191 -25.10 -3.68 16.60
N GLN C 192 -25.74 -4.81 16.88
CA GLN C 192 -25.70 -5.45 18.19
C GLN C 192 -25.16 -6.87 18.07
N GLN C 193 -24.47 -7.32 19.11
CA GLN C 193 -23.89 -8.65 19.16
C GLN C 193 -25.02 -9.68 19.30
N THR C 194 -25.32 -10.39 18.20
CA THR C 194 -26.33 -11.43 18.27
C THR C 194 -25.89 -12.57 19.19
N THR C 195 -24.64 -13.01 19.04
CA THR C 195 -24.10 -14.12 19.82
C THR C 195 -22.66 -13.81 20.18
N THR C 196 -22.23 -14.32 21.34
CA THR C 196 -20.84 -14.21 21.77
C THR C 196 -20.30 -15.59 22.08
N PHE C 197 -19.12 -15.91 21.52
CA PHE C 197 -18.45 -17.18 21.76
C PHE C 197 -17.28 -16.91 22.68
N THR C 198 -17.31 -17.50 23.88
CA THR C 198 -16.31 -17.25 24.90
C THR C 198 -15.79 -18.58 25.47
N GLY C 199 -14.77 -19.14 24.82
CA GLY C 199 -14.15 -20.35 25.31
C GLY C 199 -12.64 -20.27 25.47
N HIS C 200 -12.00 -19.38 24.72
CA HIS C 200 -10.55 -19.35 24.66
C HIS C 200 -9.96 -18.80 25.95
N THR C 201 -8.64 -18.92 26.08
CA THR C 201 -7.91 -18.42 27.23
C THR C 201 -6.92 -17.32 26.85
N GLY C 202 -6.44 -17.28 25.61
CA GLY C 202 -5.54 -16.25 25.16
C GLY C 202 -6.12 -15.51 23.96
N ASP C 203 -5.33 -14.60 23.41
CA ASP C 203 -5.77 -13.79 22.29
C ASP C 203 -6.15 -14.66 21.10
N VAL C 204 -7.26 -14.33 20.45
CA VAL C 204 -7.70 -15.04 19.26
C VAL C 204 -7.15 -14.30 18.05
N MET C 205 -6.43 -15.02 17.19
CA MET C 205 -5.68 -14.38 16.12
C MET C 205 -6.23 -14.64 14.73
N SER C 206 -6.98 -15.71 14.52
CA SER C 206 -7.42 -16.07 13.18
C SER C 206 -8.88 -16.53 13.21
N LEU C 207 -9.38 -16.88 12.03
CA LEU C 207 -10.79 -17.19 11.83
C LEU C 207 -10.96 -17.81 10.45
N SER C 208 -11.94 -18.71 10.32
CA SER C 208 -12.21 -19.33 9.02
C SER C 208 -13.65 -19.83 9.00
N LEU C 209 -14.42 -19.39 8.01
CA LEU C 209 -15.79 -19.85 7.86
C LEU C 209 -15.85 -21.12 7.02
N ALA C 210 -16.78 -22.00 7.37
CA ALA C 210 -16.97 -23.22 6.60
C ALA C 210 -17.56 -22.89 5.23
N PRO C 211 -17.34 -23.74 4.23
CA PRO C 211 -17.91 -23.46 2.90
C PRO C 211 -19.43 -23.33 2.90
N ASP C 212 -20.10 -24.07 3.77
CA ASP C 212 -21.55 -23.96 3.92
C ASP C 212 -21.98 -22.95 4.96
N THR C 213 -21.02 -22.30 5.65
CA THR C 213 -21.25 -21.22 6.59
C THR C 213 -22.19 -21.61 7.74
N ARG C 214 -22.13 -22.86 8.20
CA ARG C 214 -22.83 -23.23 9.42
C ARG C 214 -21.89 -23.38 10.61
N LEU C 215 -20.60 -23.58 10.35
CA LEU C 215 -19.60 -23.75 11.40
C LEU C 215 -18.41 -22.84 11.06
N PHE C 216 -17.53 -22.65 12.03
CA PHE C 216 -16.29 -21.93 11.80
C PHE C 216 -15.30 -22.28 12.89
N VAL C 217 -14.03 -21.98 12.65
CA VAL C 217 -12.93 -22.30 13.56
C VAL C 217 -12.14 -21.04 13.85
N SER C 218 -11.46 -21.03 14.99
CA SER C 218 -10.61 -19.91 15.38
C SER C 218 -9.32 -20.45 15.98
N GLY C 219 -8.24 -19.71 15.79
CA GLY C 219 -6.94 -20.04 16.35
C GLY C 219 -6.55 -18.98 17.37
N ALA C 220 -6.07 -19.44 18.53
CA ALA C 220 -5.81 -18.56 19.66
C ALA C 220 -4.36 -18.69 20.10
N CYS C 221 -3.94 -17.77 20.96
CA CYS C 221 -2.58 -17.76 21.48
C CYS C 221 -2.38 -18.73 22.64
N ASP C 222 -3.42 -19.43 23.07
CA ASP C 222 -3.26 -20.53 24.02
C ASP C 222 -2.84 -21.83 23.35
N ALA C 223 -2.41 -21.77 22.10
CA ALA C 223 -1.97 -22.94 21.34
C ALA C 223 -3.09 -23.97 21.18
N SER C 224 -4.32 -23.52 20.96
CA SER C 224 -5.45 -24.40 20.73
C SER C 224 -6.41 -23.76 19.73
N ALA C 225 -7.18 -24.60 19.05
CA ALA C 225 -8.19 -24.18 18.10
C ALA C 225 -9.51 -24.85 18.44
N LYS C 226 -10.61 -24.13 18.21
CA LYS C 226 -11.93 -24.59 18.62
C LYS C 226 -12.90 -24.52 17.44
N LEU C 227 -13.92 -25.36 17.48
CA LEU C 227 -14.94 -25.41 16.44
C LEU C 227 -16.26 -24.92 17.01
N TRP C 228 -16.84 -23.91 16.37
CA TRP C 228 -18.04 -23.24 16.87
C TRP C 228 -19.23 -23.51 15.97
N ASP C 229 -20.43 -23.39 16.56
CA ASP C 229 -21.69 -23.46 15.83
C ASP C 229 -22.34 -22.09 15.89
N VAL C 230 -22.53 -21.47 14.71
CA VAL C 230 -23.07 -20.11 14.69
C VAL C 230 -24.52 -20.08 15.16
N ARG C 231 -25.29 -21.12 14.84
CA ARG C 231 -26.71 -21.12 15.18
C ARG C 231 -26.92 -21.20 16.69
N GLU C 232 -26.07 -21.97 17.39
CA GLU C 232 -26.27 -22.20 18.81
C GLU C 232 -25.25 -21.50 19.69
N GLY C 233 -24.09 -21.11 19.14
CA GLY C 233 -23.09 -20.40 19.91
C GLY C 233 -22.43 -21.20 21.01
N MET C 234 -21.80 -22.31 20.64
CA MET C 234 -21.14 -23.16 21.62
C MET C 234 -20.04 -23.96 20.94
N CYS C 235 -18.95 -24.19 21.66
CA CYS C 235 -17.78 -24.87 21.11
C CYS C 235 -18.00 -26.37 20.96
N ARG C 236 -18.12 -26.83 19.72
CA ARG C 236 -18.34 -28.26 19.49
C ARG C 236 -17.13 -29.09 19.90
N GLN C 237 -15.94 -28.72 19.42
CA GLN C 237 -14.74 -29.53 19.61
C GLN C 237 -13.55 -28.62 19.87
N THR C 238 -12.52 -29.17 20.50
CA THR C 238 -11.28 -28.45 20.77
C THR C 238 -10.09 -29.29 20.33
N PHE C 239 -9.17 -28.67 19.58
CA PHE C 239 -8.01 -29.35 19.04
C PHE C 239 -6.74 -28.75 19.64
N THR C 240 -5.84 -29.62 20.08
CA THR C 240 -4.56 -29.22 20.66
C THR C 240 -3.43 -29.88 19.87
N GLY C 241 -2.20 -29.51 20.19
CA GLY C 241 -1.05 -30.09 19.55
C GLY C 241 0.08 -29.13 19.26
N HIS C 242 -0.25 -27.86 19.01
CA HIS C 242 0.78 -26.86 18.76
C HIS C 242 1.51 -26.51 20.05
N GLU C 243 2.72 -25.99 19.91
CA GLU C 243 3.55 -25.64 21.04
C GLU C 243 3.71 -24.14 21.23
N SER C 244 3.08 -23.32 20.40
CA SER C 244 3.19 -21.88 20.53
C SER C 244 1.92 -21.23 19.98
N ASP C 245 2.00 -19.92 19.76
CA ASP C 245 0.83 -19.17 19.30
C ASP C 245 0.41 -19.62 17.90
N ILE C 246 -0.89 -19.56 17.62
CA ILE C 246 -1.42 -19.88 16.30
C ILE C 246 -1.77 -18.58 15.60
N ASN C 247 -1.26 -18.40 14.38
CA ASN C 247 -1.42 -17.15 13.66
C ASN C 247 -2.39 -17.22 12.49
N ALA C 248 -2.62 -18.41 11.91
CA ALA C 248 -3.48 -18.54 10.75
C ALA C 248 -4.25 -19.85 10.79
N ILE C 249 -5.38 -19.87 10.09
CA ILE C 249 -6.23 -21.06 10.01
C ILE C 249 -7.02 -20.98 8.71
N CYS C 250 -7.41 -22.14 8.18
CA CYS C 250 -8.10 -22.19 6.89
C CYS C 250 -8.75 -23.56 6.74
N PHE C 251 -10.02 -23.57 6.32
CA PHE C 251 -10.72 -24.82 6.08
C PHE C 251 -10.22 -25.50 4.80
N PHE C 252 -10.27 -26.82 4.81
CA PHE C 252 -10.09 -27.65 3.63
C PHE C 252 -11.28 -27.42 2.69
N PRO C 253 -11.06 -27.55 1.38
CA PRO C 253 -12.18 -27.35 0.45
C PRO C 253 -13.37 -28.26 0.70
N ASN C 254 -13.11 -29.47 1.19
CA ASN C 254 -14.20 -30.39 1.52
C ASN C 254 -15.02 -29.88 2.70
N GLY C 255 -14.39 -29.15 3.62
CA GLY C 255 -15.06 -28.70 4.83
C GLY C 255 -14.93 -29.65 6.00
N ASN C 256 -14.26 -30.78 5.84
CA ASN C 256 -14.08 -31.75 6.91
C ASN C 256 -12.69 -31.71 7.52
N ALA C 257 -11.89 -30.70 7.20
CA ALA C 257 -10.54 -30.59 7.75
C ALA C 257 -10.12 -29.13 7.70
N PHE C 258 -9.06 -28.81 8.44
CA PHE C 258 -8.50 -27.47 8.41
C PHE C 258 -7.03 -27.54 8.78
N ALA C 259 -6.30 -26.48 8.42
CA ALA C 259 -4.87 -26.39 8.65
C ALA C 259 -4.55 -25.15 9.45
N THR C 260 -3.57 -25.26 10.35
CA THR C 260 -3.19 -24.18 11.24
C THR C 260 -1.72 -23.86 11.06
N GLY C 261 -1.36 -22.60 11.22
CA GLY C 261 0.03 -22.18 11.18
C GLY C 261 0.45 -21.50 12.46
N SER C 262 1.52 -21.98 13.09
CA SER C 262 1.90 -21.50 14.42
C SER C 262 3.28 -20.85 14.37
N ASP C 263 3.71 -20.35 15.53
CA ASP C 263 4.97 -19.62 15.64
C ASP C 263 6.18 -20.52 15.78
N ASP C 264 6.00 -21.82 15.96
CA ASP C 264 7.12 -22.74 16.08
C ASP C 264 7.52 -23.37 14.75
N ALA C 265 7.32 -22.65 13.65
CA ALA C 265 7.72 -23.11 12.30
C ALA C 265 7.06 -24.43 11.93
N THR C 266 5.76 -24.57 12.21
CA THR C 266 5.05 -25.81 11.98
C THR C 266 3.64 -25.52 11.50
N CYS C 267 3.22 -26.23 10.45
CA CYS C 267 1.83 -26.26 10.00
C CYS C 267 1.28 -27.66 10.24
N ARG C 268 0.02 -27.73 10.66
CA ARG C 268 -0.58 -29.01 11.00
C ARG C 268 -1.98 -29.12 10.41
N LEU C 269 -2.37 -30.35 10.09
CA LEU C 269 -3.66 -30.65 9.49
C LEU C 269 -4.50 -31.45 10.47
N PHE C 270 -5.68 -30.92 10.81
CA PHE C 270 -6.60 -31.57 11.72
C PHE C 270 -7.84 -32.02 10.97
N ASP C 271 -8.48 -33.09 11.44
CA ASP C 271 -9.68 -33.62 10.82
C ASP C 271 -10.80 -33.63 11.85
N LEU C 272 -11.98 -33.14 11.45
CA LEU C 272 -13.09 -33.00 12.40
C LEU C 272 -13.67 -34.36 12.78
N ARG C 273 -13.93 -35.21 11.79
CA ARG C 273 -14.58 -36.48 12.08
C ARG C 273 -13.67 -37.40 12.89
N ALA C 274 -12.39 -37.48 12.54
CA ALA C 274 -11.46 -38.28 13.32
C ALA C 274 -11.07 -37.60 14.61
N ASP C 275 -11.28 -36.29 14.71
CA ASP C 275 -11.08 -35.51 15.94
C ASP C 275 -9.64 -35.56 16.43
N GLN C 276 -8.67 -35.51 15.51
CA GLN C 276 -7.27 -35.52 15.92
C GLN C 276 -6.40 -35.03 14.77
N GLU C 277 -5.10 -34.91 15.06
CA GLU C 277 -4.13 -34.40 14.11
C GLU C 277 -3.76 -35.47 13.08
N LEU C 278 -3.43 -35.02 11.86
CA LEU C 278 -3.08 -35.92 10.75
C LEU C 278 -1.65 -35.75 10.26
N MET C 279 -1.23 -34.54 9.89
CA MET C 279 0.11 -34.28 9.40
C MET C 279 0.77 -33.16 10.17
N THR C 280 2.10 -33.14 10.09
CA THR C 280 2.95 -32.06 10.54
C THR C 280 3.83 -31.66 9.38
N TYR C 281 3.79 -30.39 9.00
CA TYR C 281 4.55 -29.88 7.86
C TYR C 281 5.69 -29.02 8.41
N SER C 282 6.86 -29.63 8.60
CA SER C 282 8.01 -28.94 9.14
C SER C 282 9.27 -29.46 8.46
N HIS C 283 10.34 -28.66 8.56
CA HIS C 283 11.63 -29.02 8.01
C HIS C 283 12.71 -28.56 8.98
N ASP C 284 13.88 -29.19 8.88
CA ASP C 284 14.95 -28.91 9.83
C ASP C 284 15.46 -27.48 9.71
N ASN C 285 15.53 -26.96 8.49
CA ASN C 285 16.13 -25.66 8.24
C ASN C 285 15.15 -24.49 8.36
N ILE C 286 13.90 -24.75 8.74
CA ILE C 286 12.90 -23.69 8.93
C ILE C 286 12.74 -23.46 10.43
N ILE C 287 13.00 -22.23 10.86
CA ILE C 287 12.95 -21.90 12.29
C ILE C 287 12.15 -20.62 12.52
N CYS C 288 11.35 -20.23 11.55
CA CYS C 288 10.53 -19.01 11.64
C CYS C 288 9.06 -19.37 11.62
N GLY C 289 8.26 -18.53 12.30
CA GLY C 289 6.84 -18.77 12.39
C GLY C 289 6.10 -18.50 11.08
N ILE C 290 4.88 -19.02 11.01
CA ILE C 290 4.02 -18.90 9.83
C ILE C 290 3.03 -17.77 10.06
N THR C 291 2.88 -16.90 9.07
CA THR C 291 1.96 -15.77 9.18
C THR C 291 0.64 -15.99 8.47
N SER C 292 0.59 -16.82 7.44
CA SER C 292 -0.64 -17.03 6.69
C SER C 292 -0.65 -18.43 6.09
N VAL C 293 -1.85 -18.99 5.96
CA VAL C 293 -2.05 -20.33 5.44
C VAL C 293 -3.24 -20.30 4.50
N SER C 294 -3.15 -21.03 3.39
CA SER C 294 -4.27 -21.18 2.48
C SER C 294 -4.12 -22.46 1.68
N PHE C 295 -5.21 -22.89 1.08
CA PHE C 295 -5.28 -24.12 0.30
C PHE C 295 -5.46 -23.81 -1.18
N SER C 296 -5.27 -24.83 -2.01
CA SER C 296 -5.59 -24.70 -3.42
C SER C 296 -7.03 -25.14 -3.67
N LYS C 297 -7.46 -25.02 -4.93
CA LYS C 297 -8.86 -25.32 -5.26
C LYS C 297 -9.18 -26.80 -5.02
N SER C 298 -8.26 -27.69 -5.40
CA SER C 298 -8.49 -29.12 -5.23
C SER C 298 -8.10 -29.62 -3.85
N GLY C 299 -7.43 -28.81 -3.04
CA GLY C 299 -6.97 -29.23 -1.73
C GLY C 299 -5.70 -30.04 -1.72
N ARG C 300 -5.00 -30.14 -2.85
CA ARG C 300 -3.77 -30.93 -2.89
C ARG C 300 -2.55 -30.12 -2.47
N LEU C 301 -2.56 -28.82 -2.70
CA LEU C 301 -1.43 -27.96 -2.36
C LEU C 301 -1.79 -27.11 -1.16
N LEU C 302 -0.84 -26.97 -0.24
CA LEU C 302 -1.00 -26.14 0.96
C LEU C 302 0.06 -25.06 0.92
N LEU C 303 -0.37 -23.81 0.75
CA LEU C 303 0.54 -22.68 0.67
C LEU C 303 0.60 -21.98 2.03
N ALA C 304 1.81 -21.70 2.50
CA ALA C 304 2.01 -21.07 3.80
C ALA C 304 3.06 -19.98 3.69
N GLY C 305 2.75 -18.81 4.22
CA GLY C 305 3.69 -17.71 4.23
C GLY C 305 4.52 -17.67 5.50
N TYR C 306 5.82 -17.44 5.35
CA TYR C 306 6.76 -17.53 6.45
C TYR C 306 7.38 -16.16 6.72
N ASP C 307 8.21 -16.12 7.76
CA ASP C 307 8.99 -14.94 8.09
C ASP C 307 10.31 -14.88 7.32
N ASP C 308 10.67 -15.94 6.60
CA ASP C 308 11.89 -15.95 5.80
C ASP C 308 11.74 -15.19 4.50
N PHE C 309 10.69 -14.38 4.36
CA PHE C 309 10.38 -13.52 3.24
C PHE C 309 9.86 -14.30 2.04
N ASN C 310 9.73 -15.61 2.12
CA ASN C 310 9.27 -16.40 0.98
C ASN C 310 8.21 -17.40 1.41
N CYS C 311 7.19 -17.57 0.57
CA CYS C 311 6.16 -18.56 0.78
C CYS C 311 6.64 -19.94 0.32
N ASN C 312 6.08 -20.97 0.93
CA ASN C 312 6.40 -22.35 0.60
C ASN C 312 5.13 -23.08 0.17
N VAL C 313 5.27 -24.05 -0.73
CA VAL C 313 4.17 -24.86 -1.20
C VAL C 313 4.39 -26.28 -0.73
N TRP C 314 3.43 -26.81 0.03
CA TRP C 314 3.52 -28.14 0.62
C TRP C 314 2.56 -29.08 -0.07
N ASP C 315 2.99 -30.31 -0.28
CA ASP C 315 2.09 -31.37 -0.76
C ASP C 315 1.27 -31.83 0.43
N ALA C 316 -0.01 -31.46 0.46
CA ALA C 316 -0.82 -31.68 1.65
C ALA C 316 -1.02 -33.16 1.95
N LEU C 317 -0.94 -34.02 0.95
CA LEU C 317 -1.17 -35.45 1.15
C LEU C 317 0.11 -36.21 1.45
N LYS C 318 1.28 -35.57 1.33
CA LYS C 318 2.55 -36.25 1.52
C LYS C 318 3.54 -35.47 2.39
N ALA C 319 3.22 -34.24 2.77
CA ALA C 319 4.08 -33.42 3.63
C ALA C 319 5.48 -33.24 3.06
N ASP C 320 5.58 -33.10 1.74
CA ASP C 320 6.85 -32.84 1.07
C ASP C 320 6.78 -31.49 0.38
N ARG C 321 7.77 -30.65 0.63
CA ARG C 321 7.79 -29.33 0.02
C ARG C 321 7.96 -29.44 -1.49
N ALA C 322 7.10 -28.77 -2.24
CA ALA C 322 7.08 -28.89 -3.69
C ALA C 322 7.58 -27.65 -4.40
N GLY C 323 7.69 -26.52 -3.72
CA GLY C 323 8.14 -25.31 -4.38
C GLY C 323 8.33 -24.19 -3.39
N VAL C 324 8.90 -23.10 -3.88
CA VAL C 324 9.13 -21.89 -3.09
C VAL C 324 8.71 -20.69 -3.93
N LEU C 325 8.12 -19.69 -3.28
CA LEU C 325 7.72 -18.44 -3.93
C LEU C 325 8.53 -17.30 -3.31
N ALA C 326 9.73 -17.09 -3.85
CA ALA C 326 10.67 -16.11 -3.29
C ALA C 326 10.71 -14.90 -4.24
N GLY C 327 9.93 -13.88 -3.89
CA GLY C 327 9.92 -12.66 -4.67
C GLY C 327 9.71 -11.41 -3.84
N HIS C 328 9.81 -11.53 -2.51
CA HIS C 328 9.54 -10.43 -1.60
C HIS C 328 10.80 -10.07 -0.83
N ASP C 329 10.92 -8.79 -0.49
CA ASP C 329 12.05 -8.28 0.27
C ASP C 329 11.77 -8.17 1.76
N ASN C 330 10.60 -8.58 2.23
CA ASN C 330 10.27 -8.52 3.63
C ASN C 330 9.26 -9.61 3.97
N ARG C 331 8.84 -9.65 5.24
CA ARG C 331 7.98 -10.71 5.74
C ARG C 331 6.65 -10.74 4.99
N VAL C 332 6.21 -11.94 4.61
CA VAL C 332 4.93 -12.13 3.95
C VAL C 332 3.85 -12.15 5.02
N SER C 333 2.95 -11.17 5.00
CA SER C 333 1.96 -11.03 6.06
C SER C 333 0.59 -11.54 5.69
N CYS C 334 0.27 -11.67 4.41
CA CYS C 334 -1.04 -12.13 3.98
C CYS C 334 -0.90 -12.97 2.72
N LEU C 335 -1.91 -13.79 2.46
CA LEU C 335 -1.87 -14.74 1.36
C LEU C 335 -3.29 -15.19 1.06
N GLY C 336 -3.62 -15.35 -0.22
CA GLY C 336 -4.97 -15.76 -0.60
C GLY C 336 -4.98 -16.38 -1.98
N VAL C 337 -5.96 -17.23 -2.20
CA VAL C 337 -6.12 -17.96 -3.46
C VAL C 337 -7.53 -17.69 -4.00
N THR C 338 -7.62 -17.47 -5.31
CA THR C 338 -8.90 -17.14 -5.93
C THR C 338 -9.88 -18.30 -5.78
N ASP C 339 -11.16 -17.98 -5.95
CA ASP C 339 -12.20 -19.00 -5.82
C ASP C 339 -12.07 -20.08 -6.87
N ASP C 340 -11.77 -19.69 -8.11
CA ASP C 340 -11.57 -20.68 -9.17
C ASP C 340 -10.14 -21.18 -9.24
N GLY C 341 -9.25 -20.69 -8.38
CA GLY C 341 -7.93 -21.25 -8.25
C GLY C 341 -6.92 -20.84 -9.29
N MET C 342 -7.19 -19.79 -10.05
CA MET C 342 -6.27 -19.40 -11.12
C MET C 342 -4.98 -18.80 -10.57
N ALA C 343 -5.08 -17.96 -9.54
CA ALA C 343 -3.93 -17.16 -9.12
C ALA C 343 -3.78 -17.19 -7.61
N VAL C 344 -2.58 -16.85 -7.16
CA VAL C 344 -2.25 -16.67 -5.75
C VAL C 344 -1.72 -15.26 -5.57
N ALA C 345 -2.26 -14.55 -4.59
CA ALA C 345 -1.82 -13.20 -4.29
C ALA C 345 -1.19 -13.16 -2.90
N THR C 346 0.02 -12.62 -2.81
CA THR C 346 0.75 -12.54 -1.56
C THR C 346 1.15 -11.09 -1.32
N GLY C 347 0.78 -10.56 -0.17
CA GLY C 347 1.20 -9.23 0.25
C GLY C 347 2.21 -9.36 1.39
N SER C 348 3.18 -8.46 1.41
CA SER C 348 4.27 -8.56 2.37
C SER C 348 4.44 -7.23 3.07
N TRP C 349 5.46 -7.16 3.94
CA TRP C 349 5.69 -5.95 4.72
C TRP C 349 6.34 -4.84 3.90
N ASP C 350 6.92 -5.15 2.75
CA ASP C 350 7.10 -4.11 1.76
C ASP C 350 5.78 -3.88 1.04
N SER C 351 5.65 -2.73 0.41
CA SER C 351 4.33 -2.25 -0.01
C SER C 351 3.84 -2.88 -1.31
N PHE C 352 4.35 -4.04 -1.70
CA PHE C 352 4.02 -4.65 -3.00
C PHE C 352 3.24 -5.94 -2.82
N LEU C 353 2.22 -6.11 -3.64
CA LEU C 353 1.49 -7.37 -3.76
C LEU C 353 1.92 -8.07 -5.03
N LYS C 354 2.14 -9.38 -4.94
CA LYS C 354 2.55 -10.19 -6.08
C LYS C 354 1.47 -11.20 -6.40
N ILE C 355 1.10 -11.29 -7.67
CA ILE C 355 0.09 -12.23 -8.13
C ILE C 355 0.79 -13.31 -8.96
N TRP C 356 0.75 -14.54 -8.47
CA TRP C 356 1.48 -15.65 -9.04
C TRP C 356 0.53 -16.53 -9.84
N ASN C 357 1.09 -17.38 -10.69
CA ASN C 357 0.29 -18.27 -11.53
C ASN C 357 1.13 -19.37 -12.12
N SER D 8 -14.69 -18.74 40.96
CA SER D 8 -14.00 -19.68 40.09
C SER D 8 -14.73 -21.03 40.06
N ILE D 9 -15.62 -21.23 41.03
CA ILE D 9 -16.40 -22.47 41.08
C ILE D 9 -17.31 -22.58 39.85
N ALA D 10 -17.95 -21.47 39.47
CA ALA D 10 -18.76 -21.47 38.26
C ALA D 10 -17.91 -21.77 37.03
N GLN D 11 -16.70 -21.22 36.98
CA GLN D 11 -15.79 -21.51 35.87
C GLN D 11 -15.45 -23.00 35.83
N ALA D 12 -15.19 -23.61 36.98
CA ALA D 12 -14.88 -25.04 37.02
C ALA D 12 -16.07 -25.87 36.57
N ARG D 13 -17.27 -25.52 37.01
CA ARG D 13 -18.47 -26.26 36.60
C ARG D 13 -18.69 -26.13 35.10
N LYS D 14 -18.52 -24.92 34.56
CA LYS D 14 -18.67 -24.72 33.13
C LYS D 14 -17.64 -25.51 32.35
N LEU D 15 -16.40 -25.58 32.85
CA LEU D 15 -15.37 -26.36 32.19
C LEU D 15 -15.72 -27.84 32.20
N VAL D 16 -16.21 -28.35 33.33
CA VAL D 16 -16.60 -29.76 33.42
C VAL D 16 -17.71 -30.05 32.41
N GLU D 17 -18.70 -29.16 32.32
CA GLU D 17 -19.77 -29.35 31.34
C GLU D 17 -19.22 -29.34 29.91
N GLN D 18 -18.28 -28.44 29.64
CA GLN D 18 -17.72 -28.35 28.29
C GLN D 18 -16.98 -29.63 27.91
N LEU D 19 -16.16 -30.15 28.82
CA LEU D 19 -15.48 -31.42 28.53
C LEU D 19 -16.45 -32.59 28.43
N LYS D 20 -17.54 -32.57 29.21
CA LYS D 20 -18.54 -33.62 29.04
C LYS D 20 -19.16 -33.56 27.64
N MET D 21 -19.49 -32.37 27.18
CA MET D 21 -20.10 -32.23 25.86
C MET D 21 -19.10 -32.60 24.75
N GLU D 22 -17.83 -32.30 24.96
CA GLU D 22 -16.81 -32.74 24.00
C GLU D 22 -16.66 -34.26 24.00
N ALA D 23 -16.77 -34.88 25.18
CA ALA D 23 -16.72 -36.34 25.26
C ALA D 23 -17.93 -37.00 24.61
N ASN D 24 -19.07 -36.30 24.54
CA ASN D 24 -20.25 -36.87 23.93
C ASN D 24 -20.15 -37.04 22.42
N ILE D 25 -19.12 -36.47 21.77
CA ILE D 25 -19.00 -36.55 20.32
C ILE D 25 -18.66 -37.97 19.90
N ASP D 26 -19.08 -38.35 18.70
CA ASP D 26 -18.77 -39.65 18.12
C ASP D 26 -17.58 -39.47 17.18
N ARG D 27 -16.73 -40.49 17.09
CA ARG D 27 -15.51 -40.44 16.31
C ARG D 27 -15.41 -41.65 15.40
N ILE D 28 -14.78 -41.46 14.25
CA ILE D 28 -14.58 -42.53 13.29
C ILE D 28 -13.09 -42.80 13.15
N LYS D 29 -12.76 -43.85 12.40
CA LYS D 29 -11.36 -44.24 12.24
C LYS D 29 -10.59 -43.21 11.42
N VAL D 30 -9.29 -43.12 11.67
CA VAL D 30 -8.44 -42.22 10.90
C VAL D 30 -8.31 -42.70 9.46
N SER D 31 -8.31 -44.02 9.26
CA SER D 31 -8.14 -44.56 7.91
C SER D 31 -9.27 -44.12 6.99
N LYS D 32 -10.51 -44.12 7.48
CA LYS D 32 -11.64 -43.71 6.65
C LYS D 32 -11.54 -42.24 6.27
N ALA D 33 -11.18 -41.38 7.21
CA ALA D 33 -11.05 -39.95 6.91
C ALA D 33 -9.91 -39.70 5.93
N ALA D 34 -8.80 -40.43 6.10
CA ALA D 34 -7.68 -40.31 5.17
C ALA D 34 -8.09 -40.73 3.76
N ALA D 35 -8.83 -41.84 3.65
CA ALA D 35 -9.30 -42.28 2.34
C ALA D 35 -10.26 -41.27 1.74
N ASP D 36 -11.09 -40.63 2.57
CA ASP D 36 -12.02 -39.62 2.06
C ASP D 36 -11.27 -38.41 1.50
N LEU D 37 -10.25 -37.94 2.22
CA LEU D 37 -9.46 -36.81 1.72
C LEU D 37 -8.76 -37.18 0.42
N MET D 38 -8.17 -38.38 0.36
CA MET D 38 -7.51 -38.82 -0.86
C MET D 38 -8.48 -38.92 -2.03
N ALA D 39 -9.68 -39.45 -1.77
CA ALA D 39 -10.68 -39.59 -2.83
C ALA D 39 -11.12 -38.22 -3.34
N TYR D 40 -11.33 -37.26 -2.44
CA TYR D 40 -11.69 -35.91 -2.88
C TYR D 40 -10.59 -35.30 -3.75
N CYS D 41 -9.33 -35.45 -3.32
CA CYS D 41 -8.24 -34.89 -4.11
C CYS D 41 -8.16 -35.55 -5.49
N GLU D 42 -8.31 -36.87 -5.55
CA GLU D 42 -8.27 -37.55 -6.84
C GLU D 42 -9.44 -37.15 -7.73
N ALA D 43 -10.62 -36.96 -7.16
CA ALA D 43 -11.78 -36.59 -7.94
C ALA D 43 -11.73 -35.15 -8.45
N HIS D 44 -11.06 -34.23 -7.73
CA HIS D 44 -11.00 -32.85 -8.17
C HIS D 44 -9.62 -32.42 -8.67
N ALA D 45 -8.71 -33.37 -8.90
CA ALA D 45 -7.40 -33.01 -9.45
C ALA D 45 -7.52 -32.35 -10.82
N LYS D 46 -8.50 -32.78 -11.63
CA LYS D 46 -8.63 -32.27 -12.99
C LYS D 46 -9.04 -30.81 -13.04
N GLU D 47 -9.61 -30.27 -11.96
CA GLU D 47 -10.13 -28.91 -11.93
C GLU D 47 -9.22 -27.94 -11.20
N ASP D 48 -7.92 -28.25 -11.08
CA ASP D 48 -6.98 -27.44 -10.31
C ASP D 48 -5.96 -26.81 -11.25
N PRO D 49 -6.12 -25.54 -11.63
CA PRO D 49 -5.13 -24.90 -12.51
C PRO D 49 -3.74 -24.80 -11.91
N LEU D 50 -3.61 -24.63 -10.60
CA LEU D 50 -2.29 -24.52 -9.99
C LEU D 50 -1.57 -25.87 -10.00
N LEU D 51 -2.29 -26.95 -9.74
CA LEU D 51 -1.67 -28.28 -9.76
C LEU D 51 -1.22 -28.66 -11.16
N THR D 52 -2.12 -28.54 -12.14
CA THR D 52 -1.81 -28.84 -13.54
C THR D 52 -1.89 -27.55 -14.34
N PRO D 53 -0.76 -27.00 -14.78
CA PRO D 53 -0.80 -25.70 -15.47
C PRO D 53 -1.66 -25.75 -16.72
N VAL D 54 -2.34 -24.64 -16.98
CA VAL D 54 -3.21 -24.49 -18.14
C VAL D 54 -2.45 -23.74 -19.23
N PRO D 55 -2.77 -23.95 -20.50
CA PRO D 55 -2.08 -23.22 -21.57
C PRO D 55 -2.39 -21.73 -21.51
N ALA D 56 -1.48 -20.95 -22.10
CA ALA D 56 -1.61 -19.50 -22.08
C ALA D 56 -2.79 -18.98 -22.87
N SER D 57 -3.45 -19.84 -23.67
CA SER D 57 -4.59 -19.41 -24.45
C SER D 57 -5.73 -18.91 -23.56
N GLU D 58 -6.00 -19.64 -22.47
CA GLU D 58 -7.08 -19.28 -21.57
C GLU D 58 -6.58 -18.84 -20.20
N ASN D 59 -5.33 -18.41 -20.10
CA ASN D 59 -4.78 -17.91 -18.85
C ASN D 59 -5.09 -16.42 -18.74
N PRO D 60 -5.92 -16.01 -17.79
CA PRO D 60 -6.27 -14.58 -17.68
C PRO D 60 -5.10 -13.69 -17.34
N PHE D 61 -4.07 -14.21 -16.67
CA PHE D 61 -2.89 -13.45 -16.30
C PHE D 61 -1.77 -13.84 -17.27
N ARG D 62 -1.62 -13.06 -18.34
CA ARG D 62 -0.59 -13.34 -19.33
C ARG D 62 0.65 -12.49 -19.10
N GLU D 63 1.34 -12.16 -20.17
CA GLU D 63 2.57 -11.36 -20.08
N ASP E 1 -32.35 12.94 -5.02
CA ASP E 1 -31.87 14.31 -5.01
C ASP E 1 -30.55 14.46 -5.76
N VAL E 2 -30.46 13.80 -6.91
CA VAL E 2 -29.24 13.80 -7.71
C VAL E 2 -29.48 14.68 -8.93
N GLN E 3 -30.39 15.64 -8.79
CA GLN E 3 -30.89 16.39 -9.93
C GLN E 3 -29.81 17.27 -10.56
N LEU E 4 -29.94 17.47 -11.87
CA LEU E 4 -29.13 18.41 -12.64
C LEU E 4 -30.07 19.40 -13.29
N VAL E 5 -29.77 20.69 -13.15
CA VAL E 5 -30.63 21.76 -13.67
C VAL E 5 -29.84 22.57 -14.68
N GLU E 6 -30.36 22.67 -15.91
CA GLU E 6 -29.72 23.43 -16.96
C GLU E 6 -30.44 24.76 -17.18
N SER E 7 -29.68 25.77 -17.57
CA SER E 7 -30.24 27.10 -17.81
C SER E 7 -29.36 27.84 -18.79
N GLY E 8 -29.94 28.87 -19.40
CA GLY E 8 -29.22 29.71 -20.35
C GLY E 8 -29.70 29.65 -21.77
N GLY E 9 -30.80 28.95 -22.05
CA GLY E 9 -31.30 28.84 -23.40
C GLY E 9 -32.36 29.87 -23.72
N GLY E 10 -32.52 30.15 -25.02
CA GLY E 10 -33.50 31.12 -25.45
C GLY E 10 -33.35 31.42 -26.93
N LEU E 11 -34.04 32.46 -27.37
CA LEU E 11 -34.00 32.87 -28.76
C LEU E 11 -32.78 33.73 -29.01
N VAL E 12 -32.02 33.41 -30.06
CA VAL E 12 -30.80 34.13 -30.40
C VAL E 12 -30.74 34.29 -31.91
N GLN E 13 -30.25 35.43 -32.37
CA GLN E 13 -30.10 35.66 -33.80
C GLN E 13 -28.96 34.79 -34.35
N PRO E 14 -29.04 34.40 -35.63
CA PRO E 14 -27.96 33.60 -36.21
C PRO E 14 -26.65 34.36 -36.23
N GLY E 15 -25.56 33.63 -36.04
CA GLY E 15 -24.25 34.23 -35.93
C GLY E 15 -23.91 34.81 -34.58
N GLY E 16 -24.81 34.68 -33.60
CA GLY E 16 -24.59 35.22 -32.28
C GLY E 16 -23.80 34.28 -31.39
N SER E 17 -23.88 34.53 -30.08
CA SER E 17 -23.19 33.73 -29.09
C SER E 17 -24.10 33.51 -27.89
N ARG E 18 -23.86 32.42 -27.18
CA ARG E 18 -24.66 32.04 -26.03
C ARG E 18 -23.92 30.97 -25.26
N LYS E 19 -24.14 30.90 -23.94
CA LYS E 19 -23.53 29.88 -23.11
C LYS E 19 -24.62 29.18 -22.29
N LEU E 20 -24.38 27.92 -21.96
CA LEU E 20 -25.31 27.11 -21.18
C LEU E 20 -24.63 26.64 -19.91
N SER E 21 -25.42 26.48 -18.85
CA SER E 21 -24.92 26.05 -17.55
C SER E 21 -25.66 24.80 -17.08
N CYS E 22 -24.99 24.01 -16.25
CA CYS E 22 -25.55 22.78 -15.70
C CYS E 22 -25.14 22.69 -14.24
N SER E 23 -26.03 23.13 -13.34
CA SER E 23 -25.73 23.19 -11.92
C SER E 23 -26.04 21.84 -11.28
N ALA E 24 -25.01 21.13 -10.86
CA ALA E 24 -25.16 19.81 -10.27
C ALA E 24 -25.35 19.90 -8.76
N SER E 25 -26.06 18.92 -8.21
CA SER E 25 -26.32 18.88 -6.78
C SER E 25 -26.68 17.47 -6.37
N GLY E 26 -26.21 17.05 -5.21
CA GLY E 26 -26.59 15.76 -4.66
C GLY E 26 -25.65 14.62 -4.96
N PHE E 27 -24.48 14.87 -5.54
CA PHE E 27 -23.51 13.82 -5.79
C PHE E 27 -22.14 14.44 -5.92
N ALA E 28 -21.12 13.60 -5.86
CA ALA E 28 -19.74 14.05 -5.97
C ALA E 28 -19.43 14.46 -7.40
N PHE E 29 -19.59 15.74 -7.71
CA PHE E 29 -19.50 16.21 -9.09
C PHE E 29 -18.11 15.99 -9.67
N SER E 30 -17.07 16.16 -8.85
CA SER E 30 -15.71 16.12 -9.37
C SER E 30 -15.30 14.74 -9.84
N SER E 31 -16.05 13.70 -9.48
CA SER E 31 -15.70 12.33 -9.84
C SER E 31 -16.35 11.85 -11.13
N PHE E 32 -17.24 12.63 -11.72
CA PHE E 32 -18.03 12.21 -12.88
C PHE E 32 -17.60 12.99 -14.12
N GLY E 33 -17.36 12.26 -15.21
CA GLY E 33 -17.22 12.91 -16.50
C GLY E 33 -18.59 13.26 -17.06
N MET E 34 -18.70 14.44 -17.66
CA MET E 34 -19.98 15.00 -18.05
C MET E 34 -20.06 15.17 -19.56
N HIS E 35 -21.25 14.91 -20.10
CA HIS E 35 -21.52 14.98 -21.54
C HIS E 35 -22.55 16.06 -21.82
N TRP E 36 -22.65 16.45 -23.09
CA TRP E 36 -23.74 17.27 -23.58
C TRP E 36 -24.37 16.54 -24.75
N VAL E 37 -25.68 16.29 -24.66
CA VAL E 37 -26.41 15.56 -25.68
C VAL E 37 -27.54 16.44 -26.20
N ARG E 38 -27.69 16.48 -27.51
CA ARG E 38 -28.60 17.37 -28.19
C ARG E 38 -29.73 16.60 -28.84
N GLN E 39 -30.93 17.17 -28.82
CA GLN E 39 -32.08 16.58 -29.52
C GLN E 39 -32.80 17.67 -30.29
N ALA E 40 -32.85 17.52 -31.61
CA ALA E 40 -33.57 18.45 -32.49
C ALA E 40 -35.05 18.46 -32.14
N PRO E 41 -35.82 19.45 -32.60
CA PRO E 41 -37.24 19.51 -32.18
C PRO E 41 -38.05 18.26 -32.48
N GLU E 42 -37.81 17.61 -33.62
CA GLU E 42 -38.57 16.41 -33.97
C GLU E 42 -37.66 15.35 -34.57
N LYS E 43 -36.47 15.16 -33.98
CA LYS E 43 -35.51 14.20 -34.48
C LYS E 43 -34.97 13.40 -33.29
N GLY E 44 -33.97 12.56 -33.56
CA GLY E 44 -33.36 11.74 -32.53
C GLY E 44 -32.25 12.46 -31.80
N LEU E 45 -31.68 11.75 -30.83
CA LEU E 45 -30.61 12.30 -30.03
C LEU E 45 -29.30 12.36 -30.82
N GLU E 46 -28.41 13.25 -30.39
CA GLU E 46 -27.13 13.44 -31.06
C GLU E 46 -26.11 13.93 -30.04
N TRP E 47 -24.95 13.28 -30.00
CA TRP E 47 -23.92 13.64 -29.04
C TRP E 47 -23.20 14.91 -29.49
N VAL E 48 -22.77 15.72 -28.52
CA VAL E 48 -22.18 17.04 -28.80
C VAL E 48 -20.76 17.16 -28.24
N ALA E 49 -20.60 17.01 -26.93
CA ALA E 49 -19.30 17.25 -26.32
C ALA E 49 -19.14 16.41 -25.06
N TYR E 50 -17.89 16.22 -24.64
CA TYR E 50 -17.56 15.41 -23.48
C TYR E 50 -16.31 15.95 -22.81
N ILE E 51 -16.35 16.09 -21.49
CA ILE E 51 -15.20 16.52 -20.69
C ILE E 51 -15.00 15.52 -19.56
N SER E 52 -13.76 15.12 -19.34
CA SER E 52 -13.46 14.06 -18.39
C SER E 52 -13.40 14.60 -16.96
N SER E 53 -13.08 13.71 -16.03
CA SER E 53 -12.85 14.12 -14.65
C SER E 53 -11.45 14.70 -14.53
N GLY E 54 -11.35 15.90 -13.95
CA GLY E 54 -10.09 16.62 -13.94
C GLY E 54 -9.78 17.37 -15.22
N SER E 55 -10.71 17.38 -16.18
CA SER E 55 -10.56 18.08 -17.45
C SER E 55 -9.37 17.60 -18.26
N GLY E 56 -8.91 16.37 -18.03
CA GLY E 56 -7.79 15.85 -18.78
C GLY E 56 -8.09 15.63 -20.25
N THR E 57 -9.27 15.09 -20.55
CA THR E 57 -9.66 14.73 -21.91
C THR E 57 -10.92 15.47 -22.32
N ILE E 58 -10.92 15.99 -23.53
CA ILE E 58 -12.06 16.70 -24.10
C ILE E 58 -12.26 16.22 -25.53
N TYR E 59 -13.52 16.01 -25.91
CA TYR E 59 -13.87 15.58 -27.26
C TYR E 59 -15.02 16.44 -27.79
N TYR E 60 -15.13 16.50 -29.11
CA TYR E 60 -16.20 17.23 -29.77
C TYR E 60 -16.71 16.44 -30.96
N ALA E 61 -17.96 16.66 -31.31
CA ALA E 61 -18.50 16.12 -32.56
C ALA E 61 -17.97 16.93 -33.74
N ASP E 62 -17.93 16.28 -34.90
CA ASP E 62 -17.39 16.94 -36.09
C ASP E 62 -18.28 18.09 -36.56
N THR E 63 -19.54 18.09 -36.20
CA THR E 63 -20.46 19.15 -36.57
C THR E 63 -20.26 20.43 -35.76
N VAL E 64 -19.72 20.32 -34.54
CA VAL E 64 -19.56 21.48 -33.67
C VAL E 64 -18.10 21.78 -33.36
N LYS E 65 -17.16 21.00 -33.89
CA LYS E 65 -15.75 21.23 -33.59
C LYS E 65 -15.31 22.60 -34.09
N GLY E 66 -14.60 23.33 -33.23
CA GLY E 66 -14.11 24.65 -33.57
C GLY E 66 -15.07 25.78 -33.25
N ARG E 67 -16.35 25.50 -33.01
CA ARG E 67 -17.34 26.50 -32.68
C ARG E 67 -17.77 26.45 -31.21
N PHE E 68 -17.88 25.26 -30.64
CA PHE E 68 -18.30 25.08 -29.26
C PHE E 68 -17.08 24.82 -28.38
N THR E 69 -17.23 25.13 -27.09
CA THR E 69 -16.19 24.90 -26.10
C THR E 69 -16.84 24.46 -24.79
N ILE E 70 -16.31 23.41 -24.19
CA ILE E 70 -16.86 22.83 -22.97
C ILE E 70 -15.85 23.00 -21.85
N SER E 71 -16.34 23.35 -20.66
CA SER E 71 -15.49 23.51 -19.50
C SER E 71 -16.32 23.29 -18.24
N ARG E 72 -15.63 23.04 -17.13
CA ARG E 72 -16.29 22.76 -15.85
C ARG E 72 -15.59 23.52 -14.74
N ASP E 73 -16.34 23.80 -13.68
CA ASP E 73 -15.82 24.48 -12.48
C ASP E 73 -16.17 23.59 -11.29
N ASP E 74 -15.22 22.75 -10.89
CA ASP E 74 -15.45 21.80 -9.82
C ASP E 74 -15.80 22.46 -8.49
N PRO E 75 -15.08 23.48 -8.00
CA PRO E 75 -15.48 24.09 -6.73
C PRO E 75 -16.89 24.67 -6.74
N LYS E 76 -17.34 25.22 -7.86
CA LYS E 76 -18.68 25.80 -7.96
C LYS E 76 -19.73 24.79 -8.37
N ASN E 77 -19.33 23.57 -8.76
CA ASN E 77 -20.26 22.51 -9.15
C ASN E 77 -21.14 22.96 -10.32
N THR E 78 -20.50 23.37 -11.41
CA THR E 78 -21.21 23.85 -12.59
C THR E 78 -20.50 23.37 -13.85
N LEU E 79 -21.28 23.10 -14.88
CA LEU E 79 -20.79 22.68 -16.18
C LEU E 79 -21.21 23.70 -17.23
N PHE E 80 -20.27 24.09 -18.10
CA PHE E 80 -20.49 25.16 -19.05
C PHE E 80 -20.32 24.67 -20.48
N LEU E 81 -20.97 25.36 -21.41
CA LEU E 81 -20.81 25.12 -22.84
C LEU E 81 -20.85 26.48 -23.53
N GLN E 82 -19.73 26.89 -24.12
CA GLN E 82 -19.64 28.16 -24.81
C GLN E 82 -19.87 27.93 -26.30
N MET E 83 -20.88 28.60 -26.85
CA MET E 83 -21.31 28.40 -28.23
C MET E 83 -21.17 29.70 -29.00
N THR E 84 -20.52 29.63 -30.16
CA THR E 84 -20.29 30.78 -31.01
C THR E 84 -20.63 30.44 -32.45
N SER E 85 -20.96 31.48 -33.22
CA SER E 85 -21.28 31.35 -34.65
C SER E 85 -22.44 30.37 -34.86
N LEU E 86 -23.56 30.66 -34.20
CA LEU E 86 -24.69 29.75 -34.25
C LEU E 86 -25.37 29.79 -35.61
N ARG E 87 -25.80 28.61 -36.08
CA ARG E 87 -26.51 28.46 -37.33
C ARG E 87 -27.95 28.05 -37.06
N SER E 88 -28.72 27.91 -38.14
CA SER E 88 -30.10 27.44 -37.99
C SER E 88 -30.17 25.96 -37.68
N GLU E 89 -29.09 25.21 -37.92
CA GLU E 89 -29.08 23.78 -37.64
C GLU E 89 -28.79 23.48 -36.17
N ASP E 90 -28.53 24.49 -35.35
CA ASP E 90 -28.24 24.29 -33.94
C ASP E 90 -29.48 24.42 -33.06
N THR E 91 -30.65 24.69 -33.63
CA THR E 91 -31.86 24.83 -32.82
C THR E 91 -32.28 23.46 -32.29
N ALA E 92 -32.28 23.33 -30.96
CA ALA E 92 -32.56 22.05 -30.32
C ALA E 92 -32.60 22.18 -28.80
N MET E 93 -32.86 21.08 -28.11
CA MET E 93 -32.85 21.03 -26.66
C MET E 93 -31.61 20.28 -26.19
N TYR E 94 -30.88 20.86 -25.25
CA TYR E 94 -29.59 20.35 -24.82
C TYR E 94 -29.73 19.69 -23.45
N TYR E 95 -29.26 18.45 -23.34
CA TYR E 95 -29.34 17.67 -22.11
C TYR E 95 -27.97 17.58 -21.47
N CYS E 96 -27.95 17.47 -20.15
CA CYS E 96 -26.74 17.33 -19.36
C CYS E 96 -26.70 15.91 -18.81
N VAL E 97 -25.63 15.18 -19.10
CA VAL E 97 -25.53 13.76 -18.78
C VAL E 97 -24.26 13.52 -17.97
N ARG E 98 -24.34 12.67 -16.96
CA ARG E 98 -23.21 12.27 -16.15
C ARG E 98 -22.84 10.83 -16.43
N SER E 99 -21.56 10.50 -16.23
CA SER E 99 -21.08 9.15 -16.49
C SER E 99 -19.76 8.93 -15.78
N ILE E 100 -19.65 7.82 -15.06
CA ILE E 100 -18.44 7.46 -14.32
C ILE E 100 -17.90 6.16 -14.89
N TYR E 101 -16.57 6.09 -15.03
CA TYR E 101 -15.92 4.98 -15.71
C TYR E 101 -14.96 4.28 -14.75
N TYR E 102 -15.30 3.05 -14.37
CA TYR E 102 -14.38 2.11 -13.75
C TYR E 102 -14.94 0.72 -14.00
N TYR E 103 -14.29 -0.28 -13.40
CA TYR E 103 -14.72 -1.66 -13.63
C TYR E 103 -16.08 -1.91 -13.01
N GLY E 104 -17.06 -2.24 -13.85
CA GLY E 104 -18.40 -2.52 -13.38
C GLY E 104 -19.29 -1.31 -13.22
N SER E 105 -18.86 -0.14 -13.68
CA SER E 105 -19.64 1.08 -13.53
C SER E 105 -20.80 1.09 -14.53
N SER E 106 -21.65 2.10 -14.39
CA SER E 106 -22.85 2.27 -15.22
C SER E 106 -22.88 3.68 -15.79
N PRO E 107 -22.25 3.92 -16.93
CA PRO E 107 -22.23 5.27 -17.50
C PRO E 107 -23.60 5.69 -18.01
N PHE E 108 -23.74 7.01 -18.20
CA PHE E 108 -24.95 7.61 -18.76
C PHE E 108 -26.18 7.33 -17.90
N ASP E 109 -26.00 7.19 -16.60
CA ASP E 109 -27.09 6.75 -15.74
C ASP E 109 -28.12 7.84 -15.45
N PHE E 110 -27.71 9.10 -15.34
CA PHE E 110 -28.63 10.17 -15.00
C PHE E 110 -28.57 11.27 -16.05
N TRP E 111 -29.73 11.69 -16.54
CA TRP E 111 -29.85 12.76 -17.52
C TRP E 111 -30.54 13.96 -16.91
N GLY E 112 -30.10 15.15 -17.30
CA GLY E 112 -30.72 16.37 -16.85
C GLY E 112 -32.08 16.59 -17.50
N GLN E 113 -32.71 17.71 -17.12
CA GLN E 113 -34.04 18.00 -17.63
C GLN E 113 -34.02 18.72 -18.97
N GLY E 114 -32.91 19.32 -19.35
CA GLY E 114 -32.82 19.91 -20.69
C GLY E 114 -33.22 21.37 -20.71
N THR E 115 -32.58 22.11 -21.61
CA THR E 115 -32.90 23.51 -21.87
C THR E 115 -33.11 23.71 -23.35
N THR E 116 -34.04 24.58 -23.71
CA THR E 116 -34.39 24.78 -25.11
C THR E 116 -33.65 26.00 -25.67
N LEU E 117 -33.21 25.90 -26.92
CA LEU E 117 -32.53 26.98 -27.60
C LEU E 117 -32.98 27.00 -29.05
N THR E 118 -33.48 28.15 -29.51
CA THR E 118 -33.98 28.31 -30.86
C THR E 118 -33.22 29.43 -31.55
N VAL E 119 -32.87 29.21 -32.81
CA VAL E 119 -32.15 30.17 -33.63
C VAL E 119 -33.05 30.57 -34.78
N SER E 120 -33.32 31.87 -34.90
CA SER E 120 -34.21 32.35 -35.95
C SER E 120 -33.59 32.13 -37.33
N SER E 121 -34.46 31.89 -38.31
CA SER E 121 -34.01 31.65 -39.69
C SER E 121 -33.89 32.96 -40.46
N SER E 136 -16.69 6.74 -41.77
CA SER E 136 -15.83 6.31 -40.68
C SER E 136 -16.63 6.08 -39.40
N ASP E 137 -17.60 6.96 -39.15
CA ASP E 137 -18.41 6.85 -37.94
C ASP E 137 -19.33 5.64 -38.02
N ILE E 138 -19.50 4.97 -36.88
CA ILE E 138 -20.36 3.79 -36.82
C ILE E 138 -21.81 4.21 -36.95
N VAL E 139 -22.56 3.50 -37.79
CA VAL E 139 -23.95 3.83 -38.08
C VAL E 139 -24.84 2.78 -37.44
N MET E 140 -25.78 3.23 -36.60
CA MET E 140 -26.75 2.35 -35.96
C MET E 140 -28.11 2.54 -36.61
N THR E 141 -28.75 1.44 -36.99
CA THR E 141 -29.99 1.49 -37.74
C THR E 141 -31.12 0.83 -36.96
N GLN E 142 -32.25 1.50 -36.88
CA GLN E 142 -33.47 0.98 -36.27
C GLN E 142 -34.56 1.01 -37.33
N ALA E 143 -34.74 -0.11 -38.04
CA ALA E 143 -35.61 -0.12 -39.22
C ALA E 143 -37.06 0.19 -38.85
N THR E 144 -37.56 -0.40 -37.77
CA THR E 144 -38.96 -0.25 -37.39
C THR E 144 -39.15 1.10 -36.72
N SER E 145 -39.78 2.04 -37.43
CA SER E 145 -40.02 3.36 -36.86
C SER E 145 -41.08 3.32 -35.76
N SER E 146 -42.14 2.54 -35.95
CA SER E 146 -43.23 2.49 -35.00
C SER E 146 -43.84 1.10 -35.00
N VAL E 147 -44.52 0.77 -33.90
CA VAL E 147 -45.20 -0.53 -33.78
C VAL E 147 -46.36 -0.39 -32.80
N PRO E 148 -47.55 -0.88 -33.16
CA PRO E 148 -48.67 -0.85 -32.21
C PRO E 148 -48.55 -1.96 -31.18
N VAL E 149 -48.80 -1.60 -29.92
CA VAL E 149 -48.67 -2.52 -28.79
C VAL E 149 -49.91 -2.42 -27.92
N THR E 150 -50.37 -3.57 -27.44
CA THR E 150 -51.50 -3.68 -26.53
C THR E 150 -50.99 -4.08 -25.15
N PRO E 151 -51.48 -3.44 -24.08
CA PRO E 151 -50.99 -3.77 -22.75
C PRO E 151 -51.21 -5.23 -22.39
N GLY E 152 -50.27 -5.78 -21.63
CA GLY E 152 -50.30 -7.18 -21.25
C GLY E 152 -49.54 -8.11 -22.17
N GLU E 153 -49.09 -7.63 -23.32
CA GLU E 153 -48.37 -8.45 -24.28
C GLU E 153 -46.87 -8.18 -24.23
N SER E 154 -46.14 -8.84 -25.12
CA SER E 154 -44.69 -8.72 -25.19
C SER E 154 -44.30 -8.13 -26.55
N VAL E 155 -43.25 -7.31 -26.55
CA VAL E 155 -42.76 -6.65 -27.75
C VAL E 155 -41.25 -6.81 -27.80
N SER E 156 -40.70 -6.75 -29.02
CA SER E 156 -39.27 -6.86 -29.25
C SER E 156 -38.81 -5.73 -30.16
N ILE E 157 -37.73 -5.06 -29.76
CA ILE E 157 -37.16 -3.95 -30.53
C ILE E 157 -35.77 -4.37 -30.99
N SER E 158 -35.47 -4.10 -32.25
CA SER E 158 -34.22 -4.53 -32.87
C SER E 158 -33.36 -3.33 -33.25
N CYS E 159 -32.06 -3.43 -32.98
CA CYS E 159 -31.09 -2.43 -33.39
C CYS E 159 -29.93 -3.15 -34.06
N ARG E 160 -29.30 -2.48 -35.02
CA ARG E 160 -28.21 -3.07 -35.80
C ARG E 160 -27.04 -2.09 -35.87
N SER E 161 -25.84 -2.65 -35.99
CA SER E 161 -24.62 -1.87 -36.08
C SER E 161 -23.87 -2.23 -37.35
N SER E 162 -23.31 -1.22 -38.02
CA SER E 162 -22.52 -1.48 -39.22
C SER E 162 -21.18 -2.10 -38.89
N LYS E 163 -20.64 -1.85 -37.70
CA LYS E 163 -19.36 -2.39 -37.28
C LYS E 163 -19.56 -3.19 -36.00
N SER E 164 -18.81 -4.27 -35.86
CA SER E 164 -18.95 -5.16 -34.72
C SER E 164 -18.58 -4.44 -33.43
N LEU E 165 -19.52 -4.37 -32.49
CA LEU E 165 -19.30 -3.68 -31.23
C LEU E 165 -18.62 -4.55 -30.19
N LEU E 166 -18.46 -5.85 -30.45
CA LEU E 166 -17.80 -6.72 -29.48
C LEU E 166 -16.30 -6.48 -29.51
N HIS E 167 -15.72 -6.28 -28.34
CA HIS E 167 -14.30 -5.97 -28.20
C HIS E 167 -13.52 -7.20 -27.78
N SER E 168 -12.20 -7.10 -27.85
CA SER E 168 -11.33 -8.24 -27.55
C SER E 168 -11.39 -8.65 -26.08
N ASN E 169 -11.81 -7.76 -25.19
CA ASN E 169 -11.90 -8.07 -23.77
C ASN E 169 -13.23 -8.67 -23.37
N GLY E 170 -14.16 -8.86 -24.31
CA GLY E 170 -15.42 -9.52 -24.04
C GLY E 170 -16.61 -8.61 -23.90
N ASN E 171 -16.39 -7.31 -23.74
CA ASN E 171 -17.49 -6.37 -23.55
C ASN E 171 -18.11 -5.97 -24.88
N THR E 172 -19.43 -6.00 -24.93
CA THR E 172 -20.20 -5.52 -26.08
C THR E 172 -20.83 -4.20 -25.69
N TYR E 173 -20.29 -3.10 -26.21
CA TYR E 173 -20.67 -1.76 -25.79
C TYR E 173 -21.92 -1.33 -26.53
N LEU E 174 -23.07 -1.65 -25.93
CA LEU E 174 -24.37 -1.21 -26.43
C LEU E 174 -25.21 -0.74 -25.26
N TYR E 175 -25.87 0.40 -25.44
CA TYR E 175 -26.70 1.01 -24.40
C TYR E 175 -28.10 1.23 -24.93
N TRP E 176 -29.11 1.00 -24.09
CA TRP E 176 -30.50 1.18 -24.45
C TRP E 176 -31.11 2.27 -23.58
N PHE E 177 -31.80 3.22 -24.21
CA PHE E 177 -32.42 4.34 -23.51
C PHE E 177 -33.90 4.39 -23.84
N LEU E 178 -34.69 4.87 -22.88
CA LEU E 178 -36.13 5.05 -23.04
C LEU E 178 -36.49 6.49 -22.73
N GLN E 179 -37.25 7.12 -23.63
CA GLN E 179 -37.68 8.50 -23.46
C GLN E 179 -39.20 8.53 -23.47
N ARG E 180 -39.79 8.71 -22.29
CA ARG E 180 -41.23 8.84 -22.18
C ARG E 180 -41.67 10.22 -22.68
N PRO E 181 -42.93 10.36 -23.08
CA PRO E 181 -43.39 11.64 -23.63
C PRO E 181 -43.17 12.79 -22.65
N GLY E 182 -42.62 13.88 -23.17
CA GLY E 182 -42.36 15.07 -22.36
C GLY E 182 -41.41 14.83 -21.21
N GLN E 183 -40.41 13.97 -21.40
CA GLN E 183 -39.48 13.61 -20.33
C GLN E 183 -38.09 13.40 -20.90
N SER E 184 -37.10 13.46 -20.02
CA SER E 184 -35.72 13.19 -20.40
C SER E 184 -35.48 11.67 -20.48
N PRO E 185 -34.51 11.25 -21.29
CA PRO E 185 -34.26 9.81 -21.44
C PRO E 185 -33.76 9.19 -20.14
N GLN E 186 -33.99 7.89 -20.00
CA GLN E 186 -33.61 7.13 -18.81
C GLN E 186 -32.90 5.87 -19.25
N LEU E 187 -31.77 5.57 -18.60
CA LEU E 187 -30.99 4.39 -18.96
C LEU E 187 -31.72 3.12 -18.54
N LEU E 188 -31.72 2.12 -19.43
CA LEU E 188 -32.31 0.83 -19.14
C LEU E 188 -31.27 -0.27 -19.06
N ILE E 189 -30.47 -0.46 -20.11
CA ILE E 189 -29.52 -1.56 -20.21
C ILE E 189 -28.19 -1.02 -20.70
N TYR E 190 -27.11 -1.37 -20.00
CA TYR E 190 -25.77 -0.94 -20.38
C TYR E 190 -24.92 -2.16 -20.69
N ARG E 191 -24.11 -2.06 -21.74
CA ARG E 191 -23.28 -3.16 -22.24
C ARG E 191 -24.11 -4.38 -22.61
N MET E 192 -25.32 -4.14 -23.10
CA MET E 192 -26.13 -5.10 -23.84
C MET E 192 -26.75 -6.19 -22.96
N SER E 193 -26.36 -6.28 -21.70
CA SER E 193 -26.90 -7.35 -20.87
C SER E 193 -27.28 -6.96 -19.45
N ASN E 194 -26.84 -5.81 -18.94
CA ASN E 194 -26.99 -5.48 -17.54
C ASN E 194 -28.11 -4.46 -17.34
N LEU E 195 -28.98 -4.73 -16.38
CA LEU E 195 -30.08 -3.82 -16.08
C LEU E 195 -29.62 -2.70 -15.17
N ALA E 196 -30.04 -1.48 -15.46
CA ALA E 196 -29.72 -0.35 -14.62
C ALA E 196 -30.48 -0.41 -13.30
N SER E 197 -30.02 0.38 -12.34
CA SER E 197 -30.67 0.42 -11.03
C SER E 197 -32.07 0.99 -11.15
N GLY E 198 -33.02 0.35 -10.47
CA GLY E 198 -34.39 0.81 -10.47
C GLY E 198 -35.22 0.40 -11.66
N VAL E 199 -34.65 -0.40 -12.56
CA VAL E 199 -35.36 -0.86 -13.76
C VAL E 199 -35.98 -2.22 -13.47
N PRO E 200 -37.26 -2.42 -13.77
CA PRO E 200 -37.88 -3.72 -13.48
C PRO E 200 -37.28 -4.84 -14.31
N ASP E 201 -37.42 -6.06 -13.78
CA ASP E 201 -36.84 -7.23 -14.42
C ASP E 201 -37.54 -7.64 -15.70
N ARG E 202 -38.65 -6.99 -16.05
CA ARG E 202 -39.34 -7.30 -17.30
C ARG E 202 -38.45 -7.03 -18.50
N PHE E 203 -37.72 -5.92 -18.47
CA PHE E 203 -36.82 -5.59 -19.57
C PHE E 203 -35.65 -6.56 -19.62
N SER E 204 -35.27 -6.96 -20.83
CA SER E 204 -34.17 -7.90 -21.03
C SER E 204 -33.43 -7.53 -22.31
N GLY E 205 -32.11 -7.64 -22.26
CA GLY E 205 -31.29 -7.34 -23.43
C GLY E 205 -30.38 -8.47 -23.83
N SER E 206 -30.30 -8.75 -25.12
CA SER E 206 -29.48 -9.85 -25.61
C SER E 206 -29.14 -9.60 -27.07
N GLY E 207 -28.16 -10.35 -27.56
CA GLY E 207 -27.74 -10.24 -28.95
C GLY E 207 -26.27 -10.50 -29.15
N SER E 208 -25.84 -10.57 -30.40
CA SER E 208 -24.45 -10.79 -30.76
C SER E 208 -23.89 -9.55 -31.44
N GLY E 209 -22.66 -9.66 -31.92
CA GLY E 209 -22.06 -8.57 -32.67
C GLY E 209 -22.88 -8.21 -33.90
N THR E 210 -23.18 -6.93 -34.07
CA THR E 210 -23.94 -6.35 -35.18
C THR E 210 -25.38 -6.85 -35.22
N ALA E 211 -25.92 -7.40 -34.14
CA ALA E 211 -27.32 -7.83 -34.12
C ALA E 211 -27.78 -7.87 -32.68
N PHE E 212 -28.64 -6.93 -32.29
CA PHE E 212 -29.08 -6.80 -30.91
C PHE E 212 -30.60 -6.70 -30.85
N THR E 213 -31.16 -7.08 -29.71
CA THR E 213 -32.60 -7.09 -29.52
C THR E 213 -32.92 -6.74 -28.07
N LEU E 214 -33.99 -5.96 -27.89
CA LEU E 214 -34.52 -5.63 -26.57
C LEU E 214 -35.86 -6.31 -26.40
N THR E 215 -36.03 -7.04 -25.30
CA THR E 215 -37.23 -7.80 -25.03
C THR E 215 -37.97 -7.19 -23.84
N ILE E 216 -39.27 -6.93 -24.03
CA ILE E 216 -40.13 -6.45 -22.97
C ILE E 216 -41.23 -7.48 -22.76
N SER E 217 -41.39 -7.94 -21.53
CA SER E 217 -42.38 -8.94 -21.19
C SER E 217 -43.44 -8.33 -20.29
N ARG E 218 -44.71 -8.64 -20.56
CA ARG E 218 -45.85 -8.14 -19.78
C ARG E 218 -45.88 -6.61 -19.78
N LEU E 219 -45.94 -6.05 -20.99
CA LEU E 219 -45.94 -4.60 -21.13
C LEU E 219 -47.21 -3.99 -20.57
N GLU E 220 -47.09 -2.81 -19.98
CA GLU E 220 -48.22 -2.11 -19.38
C GLU E 220 -48.06 -0.62 -19.71
N ALA E 221 -48.79 0.22 -18.97
CA ALA E 221 -48.65 1.67 -19.12
C ALA E 221 -47.26 2.13 -18.72
N GLU E 222 -47.01 3.44 -18.79
CA GLU E 222 -45.74 4.11 -18.46
C GLU E 222 -44.57 3.54 -19.23
N ASP E 223 -44.84 2.63 -20.16
CA ASP E 223 -43.82 2.07 -21.04
C ASP E 223 -43.86 2.65 -22.45
N VAL E 224 -44.88 3.44 -22.78
CA VAL E 224 -44.96 4.04 -24.09
C VAL E 224 -43.89 5.12 -24.22
N GLY E 225 -43.27 5.18 -25.39
CA GLY E 225 -42.20 6.12 -25.62
C GLY E 225 -41.37 5.70 -26.82
N VAL E 226 -40.20 6.32 -26.93
CA VAL E 226 -39.28 6.07 -28.03
C VAL E 226 -38.00 5.46 -27.46
N TYR E 227 -37.55 4.36 -28.06
CA TYR E 227 -36.41 3.62 -27.56
C TYR E 227 -35.21 3.87 -28.49
N TYR E 228 -34.07 4.23 -27.91
CA TYR E 228 -32.87 4.54 -28.65
C TYR E 228 -31.76 3.55 -28.28
N CYS E 229 -30.93 3.21 -29.26
CA CYS E 229 -29.74 2.38 -29.03
C CYS E 229 -28.51 3.21 -29.33
N MET E 230 -27.50 3.11 -28.46
CA MET E 230 -26.29 3.90 -28.56
C MET E 230 -25.09 2.99 -28.48
N GLN E 231 -23.98 3.41 -29.08
CA GLN E 231 -22.72 2.67 -29.03
C GLN E 231 -21.68 3.51 -28.30
N HIS E 232 -20.88 2.85 -27.46
CA HIS E 232 -19.81 3.51 -26.72
C HIS E 232 -18.45 2.91 -27.06
N LEU E 233 -18.32 2.28 -28.22
CA LEU E 233 -17.05 1.66 -28.58
C LEU E 233 -15.97 2.69 -28.86
N GLU E 234 -16.30 3.73 -29.62
CA GLU E 234 -15.33 4.76 -29.95
C GLU E 234 -16.06 6.05 -30.28
N TYR E 235 -15.42 7.17 -29.98
CA TYR E 235 -15.99 8.47 -30.27
C TYR E 235 -15.90 8.77 -31.77
N PRO E 236 -16.87 9.52 -32.32
CA PRO E 236 -18.03 10.09 -31.62
C PRO E 236 -19.14 9.08 -31.39
N LEU E 237 -19.83 9.20 -30.26
CA LEU E 237 -20.93 8.30 -29.94
C LEU E 237 -22.11 8.60 -30.86
N THR E 238 -22.73 7.55 -31.39
CA THR E 238 -23.81 7.70 -32.35
C THR E 238 -25.05 6.97 -31.86
N PHE E 239 -26.21 7.62 -32.04
CA PHE E 239 -27.49 7.10 -31.61
C PHE E 239 -28.25 6.53 -32.80
N GLY E 240 -29.27 5.74 -32.49
CA GLY E 240 -30.15 5.22 -33.52
C GLY E 240 -31.25 6.19 -33.88
N ALA E 241 -31.99 5.83 -34.94
CA ALA E 241 -33.10 6.68 -35.38
C ALA E 241 -34.19 6.75 -34.33
N GLY E 242 -34.50 5.64 -33.69
CA GLY E 242 -35.51 5.61 -32.66
C GLY E 242 -36.75 4.81 -33.01
N THR E 243 -37.12 3.87 -32.16
CA THR E 243 -38.33 3.06 -32.35
C THR E 243 -39.38 3.55 -31.36
N LYS E 244 -40.58 3.82 -31.87
CA LYS E 244 -41.64 4.44 -31.08
C LYS E 244 -42.74 3.42 -30.80
N LEU E 245 -43.26 3.46 -29.57
CA LEU E 245 -44.35 2.60 -29.14
C LEU E 245 -45.58 3.44 -28.82
N GLU E 246 -46.76 2.88 -29.06
CA GLU E 246 -48.01 3.57 -28.78
C GLU E 246 -49.07 2.55 -28.39
N LEU E 247 -50.28 3.05 -28.12
CA LEU E 247 -51.42 2.24 -27.75
C LEU E 247 -51.13 1.40 -26.50
#